data_5OET
#
_entry.id   5OET
#
_cell.length_a   72.750
_cell.length_b   81.619
_cell.length_c   93.840
_cell.angle_alpha   90.000
_cell.angle_beta   103.180
_cell.angle_gamma   90.000
#
_symmetry.space_group_name_H-M   'P 1 21 1'
#
loop_
_entity.id
_entity.type
_entity.pdbx_description
1 polymer 'Glutathione synthetase-like effector 30 (Gpa-GSS30-apo)'
2 non-polymer 'MAGNESIUM ION'
3 water water
#
_entity_poly.entity_id   1
_entity_poly.type   'polypeptide(L)'
_entity_poly.pdbx_seq_one_letter_code
;MANIFLILFLFCFINFGNATPTTHNQDKTDKEEQYCVPNIEQDPQILLEQSLDAKDWALSNGLVKFVDVPTCPECGKKTK
KMMTQFLPLSLYPSPFPRKLFQQAVDVQKAMLLLYFRASCDYEFLKEAHREVLNSELDNGIKKLVKRLDGMLSDGIRQPV
AMFCQRADYMASQEDDGQYVLKQVEVNTGAIGSFGTTPRFSRLHRRMVSNAGIDASESVMPSDQTDTMAAETLYQAWLEF
GNAEAVILFLHGSPNSHLMLESRQITHQLESISTERIKCRFITITEGLNRLKRDPNNFSLILDDKFVVAVVFDRLGGAVT
KEEMDLNFVIDHSTAIKTPPYIFALSHTKRMQQVFTKPGMVEKFFNNPEEEHMAEAIRKVQTKGWAIGKDEDLTEDIIKK
ATENPHRYVLKNNGCSSNAADMFFNEDILKKLKTMAPADRDFYYLTEKLRPMVIKNHFVRPNMAPTLNLDATPELGIFGC
LLGNMETGKVSYFSRTGHMMKSKLANVDEGGVWKGFSVYDSPYLV
;
_entity_poly.pdbx_strand_id   B,A
#
# COMPACT_ATOMS: atom_id res chain seq x y z
N GLN A 34 -12.29 -10.36 29.97
CA GLN A 34 -11.56 -10.95 28.82
C GLN A 34 -11.90 -10.22 27.52
N TYR A 35 -10.92 -10.15 26.61
CA TYR A 35 -11.06 -9.47 25.32
C TYR A 35 -12.17 -10.08 24.50
N CYS A 36 -13.08 -9.24 24.02
CA CYS A 36 -13.99 -9.62 22.96
C CYS A 36 -14.40 -8.36 22.19
N VAL A 37 -14.76 -8.55 20.93
CA VAL A 37 -14.83 -7.44 20.01
C VAL A 37 -16.01 -6.48 20.26
N PRO A 38 -17.22 -7.01 20.53
CA PRO A 38 -18.35 -6.12 20.87
C PRO A 38 -18.08 -5.11 22.00
N ASN A 39 -17.36 -5.51 23.06
CA ASN A 39 -17.04 -4.61 24.20
C ASN A 39 -15.95 -3.57 23.95
N ILE A 40 -15.47 -3.48 22.71
CA ILE A 40 -14.62 -2.36 22.29
C ILE A 40 -15.50 -1.14 22.05
N GLU A 41 -16.49 -1.28 21.17
CA GLU A 41 -17.31 -0.17 20.69
C GLU A 41 -18.62 -0.71 20.11
N GLN A 42 -19.72 -0.03 20.43
CA GLN A 42 -21.07 -0.37 19.90
C GLN A 42 -21.85 0.83 19.32
N ASP A 43 -21.22 1.99 19.20
CA ASP A 43 -21.82 3.09 18.45
C ASP A 43 -21.71 2.73 16.95
N PRO A 44 -22.85 2.63 16.23
CA PRO A 44 -22.75 2.27 14.80
C PRO A 44 -22.02 3.32 13.96
N GLN A 45 -22.29 4.60 14.23
CA GLN A 45 -21.62 5.72 13.55
C GLN A 45 -20.11 5.68 13.75
N ILE A 46 -19.65 5.38 14.95
CA ILE A 46 -18.22 5.21 15.19
C ILE A 46 -17.67 3.95 14.50
N LEU A 47 -18.38 2.83 14.59
CA LEU A 47 -17.95 1.61 13.88
C LEU A 47 -17.87 1.82 12.37
N LEU A 48 -18.84 2.55 11.81
CA LEU A 48 -18.81 2.92 10.41
C LEU A 48 -17.55 3.72 10.11
N GLU A 49 -17.28 4.75 10.92
CA GLU A 49 -16.08 5.60 10.70
C GLU A 49 -14.79 4.81 10.84
N GLN A 50 -14.76 3.82 11.72
CA GLN A 50 -13.58 2.98 11.85
C GLN A 50 -13.45 1.98 10.69
N SER A 51 -14.58 1.54 10.15
CA SER A 51 -14.57 0.74 8.92
C SER A 51 -13.90 1.45 7.77
N LEU A 52 -14.30 2.69 7.53
CA LEU A 52 -13.73 3.47 6.43
C LEU A 52 -12.24 3.73 6.63
N ASP A 53 -11.86 3.99 7.88
CA ASP A 53 -10.47 4.15 8.27
C ASP A 53 -9.67 2.89 8.01
N ALA A 54 -10.18 1.76 8.45
CA ALA A 54 -9.49 0.48 8.25
C ALA A 54 -9.31 0.22 6.77
N LYS A 55 -10.41 0.34 6.04
CA LYS A 55 -10.41 0.15 4.60
C LYS A 55 -9.41 1.11 3.92
N ASP A 56 -9.41 2.39 4.27
CA ASP A 56 -8.45 3.33 3.68
C ASP A 56 -7.00 3.07 4.06
N TRP A 57 -6.75 2.49 5.22
CA TRP A 57 -5.41 2.01 5.57
C TRP A 57 -4.98 0.83 4.67
N ALA A 58 -5.91 -0.10 4.41
CA ALA A 58 -5.69 -1.22 3.48
C ALA A 58 -5.33 -0.76 2.07
N LEU A 59 -6.09 0.18 1.54
CA LEU A 59 -5.83 0.79 0.23
C LEU A 59 -4.50 1.55 0.16
N SER A 60 -4.00 1.98 1.30
CA SER A 60 -2.72 2.67 1.40
C SER A 60 -1.52 1.75 1.66
N ASN A 61 -1.75 0.46 1.83
CA ASN A 61 -0.68 -0.45 2.26
C ASN A 61 -0.71 -1.83 1.61
N GLY A 62 -1.22 -1.89 0.38
CA GLY A 62 -1.11 -3.09 -0.42
C GLY A 62 -2.06 -4.25 -0.11
N LEU A 63 -3.07 -4.01 0.74
CA LEU A 63 -4.07 -5.02 1.05
C LEU A 63 -5.14 -4.96 -0.02
N VAL A 64 -4.72 -5.35 -1.22
CA VAL A 64 -5.50 -5.15 -2.42
C VAL A 64 -5.32 -6.33 -3.36
N LYS A 65 -6.23 -6.46 -4.31
CA LYS A 65 -6.08 -7.40 -5.43
C LYS A 65 -6.54 -6.76 -6.73
N PHE A 66 -6.11 -7.30 -7.86
CA PHE A 66 -6.64 -6.87 -9.16
C PHE A 66 -8.07 -7.41 -9.40
N VAL A 67 -8.93 -6.58 -9.98
CA VAL A 67 -10.32 -6.97 -10.33
C VAL A 67 -10.68 -6.45 -11.73
N ASP A 68 -11.74 -6.97 -12.38
CA ASP A 68 -12.43 -6.36 -13.57
C ASP A 68 -11.81 -6.88 -14.90
N MET A 82 -8.84 -3.26 -15.86
CA MET A 82 -8.36 -3.87 -14.62
C MET A 82 -7.89 -2.87 -13.53
N MET A 83 -8.55 -2.88 -12.37
CA MET A 83 -8.27 -1.95 -11.27
C MET A 83 -7.91 -2.70 -10.00
N THR A 84 -7.81 -1.99 -8.89
CA THR A 84 -7.60 -2.65 -7.62
C THR A 84 -8.71 -2.35 -6.62
N GLN A 85 -8.91 -3.33 -5.73
CA GLN A 85 -9.92 -3.31 -4.68
C GLN A 85 -9.31 -3.86 -3.40
N PHE A 86 -9.76 -3.38 -2.25
CA PHE A 86 -9.20 -3.85 -0.97
C PHE A 86 -9.77 -5.22 -0.64
N LEU A 87 -9.03 -5.95 0.19
CA LEU A 87 -9.40 -7.32 0.54
C LEU A 87 -10.34 -7.29 1.74
N PRO A 88 -11.44 -8.05 1.70
CA PRO A 88 -12.32 -8.01 2.86
C PRO A 88 -11.61 -8.48 4.15
N LEU A 89 -11.94 -7.80 5.24
CA LEU A 89 -11.22 -7.89 6.50
C LEU A 89 -12.19 -7.79 7.67
N SER A 90 -11.78 -8.34 8.79
CA SER A 90 -12.50 -8.14 10.03
C SER A 90 -11.97 -6.82 10.56
N LEU A 91 -12.84 -6.04 11.23
CA LEU A 91 -12.46 -4.73 11.71
C LEU A 91 -11.45 -4.83 12.85
N TYR A 92 -11.65 -5.81 13.72
CA TYR A 92 -10.83 -6.00 14.89
C TYR A 92 -10.35 -7.43 14.89
N PRO A 93 -9.24 -7.69 15.59
CA PRO A 93 -8.73 -9.05 15.62
C PRO A 93 -9.65 -9.93 16.45
N SER A 94 -9.89 -11.15 15.98
CA SER A 94 -10.81 -12.07 16.65
C SER A 94 -10.06 -12.73 17.80
N PRO A 95 -10.74 -12.98 18.93
CA PRO A 95 -10.05 -13.64 20.04
C PRO A 95 -9.73 -15.11 19.75
N PHE A 96 -8.63 -15.58 20.29
CA PHE A 96 -8.14 -16.93 20.05
C PHE A 96 -7.33 -17.36 21.29
N PRO A 97 -7.52 -18.61 21.76
CA PRO A 97 -6.77 -19.09 22.93
C PRO A 97 -5.26 -19.05 22.77
N ARG A 98 -4.54 -18.46 23.72
CA ARG A 98 -3.08 -18.43 23.69
C ARG A 98 -2.42 -19.81 23.58
N LYS A 99 -2.94 -20.80 24.29
CA LYS A 99 -2.25 -22.09 24.36
C LYS A 99 -2.28 -22.79 23.02
N LEU A 100 -3.42 -22.72 22.35
CA LEU A 100 -3.61 -23.40 21.05
C LEU A 100 -2.81 -22.76 19.91
N PHE A 101 -2.70 -21.45 19.93
CA PHE A 101 -1.86 -20.73 19.00
C PHE A 101 -0.41 -21.15 19.17
N GLN A 102 0.05 -21.21 20.42
CA GLN A 102 1.40 -21.67 20.68
C GLN A 102 1.55 -23.14 20.27
N GLN A 103 0.54 -23.96 20.51
CA GLN A 103 0.54 -25.35 20.08
C GLN A 103 0.66 -25.47 18.56
N ALA A 104 -0.02 -24.60 17.81
CA ALA A 104 0.09 -24.61 16.34
C ALA A 104 1.45 -24.11 15.81
N VAL A 105 1.93 -23.02 16.39
CA VAL A 105 3.23 -22.49 16.06
C VAL A 105 4.32 -23.51 16.35
N ASP A 106 4.26 -24.16 17.51
CA ASP A 106 5.31 -25.09 17.94
C ASP A 106 5.43 -26.37 17.10
N VAL A 107 4.32 -26.82 16.51
CA VAL A 107 4.32 -28.09 15.78
C VAL A 107 4.73 -27.93 14.30
N GLN A 108 4.88 -26.68 13.85
CA GLN A 108 5.17 -26.40 12.45
C GLN A 108 6.47 -27.02 11.99
N LYS A 109 7.53 -26.93 12.80
CA LYS A 109 8.80 -27.59 12.48
C LYS A 109 8.60 -29.10 12.20
N ALA A 110 7.89 -29.77 13.10
CA ALA A 110 7.54 -31.19 12.95
C ALA A 110 6.71 -31.45 11.69
N MET A 111 5.78 -30.56 11.41
CA MET A 111 4.87 -30.71 10.30
C MET A 111 5.60 -30.62 8.94
N LEU A 112 6.54 -29.68 8.82
CA LEU A 112 7.39 -29.61 7.62
C LEU A 112 8.24 -30.88 7.49
N LEU A 113 8.89 -31.28 8.58
CA LEU A 113 9.73 -32.47 8.53
C LEU A 113 9.01 -33.73 8.09
N LEU A 114 7.76 -33.92 8.52
CA LEU A 114 7.00 -35.12 8.12
C LEU A 114 6.67 -35.15 6.61
N TYR A 115 6.18 -34.05 6.07
CA TYR A 115 5.83 -34.00 4.66
C TYR A 115 7.06 -33.94 3.76
N PHE A 116 8.15 -33.33 4.23
CA PHE A 116 9.40 -33.34 3.50
C PHE A 116 9.93 -34.75 3.33
N ARG A 117 9.98 -35.50 4.41
CA ARG A 117 10.49 -36.88 4.43
C ARG A 117 9.61 -37.88 3.70
N ALA A 118 8.30 -37.70 3.81
CA ALA A 118 7.36 -38.44 2.97
C ALA A 118 7.54 -38.15 1.48
N SER A 119 7.87 -36.90 1.15
CA SER A 119 8.14 -36.48 -0.23
C SER A 119 9.45 -37.02 -0.80
N CYS A 120 10.42 -37.31 0.07
CA CYS A 120 11.66 -38.03 -0.31
C CYS A 120 11.52 -39.54 -0.51
N ASP A 121 10.31 -40.10 -0.35
CA ASP A 121 10.07 -41.55 -0.40
C ASP A 121 8.93 -41.82 -1.38
N TYR A 122 9.26 -41.75 -2.68
CA TYR A 122 8.27 -41.93 -3.77
C TYR A 122 7.50 -43.26 -3.69
N GLU A 123 8.19 -44.35 -3.40
CA GLU A 123 7.49 -45.60 -3.23
C GLU A 123 6.44 -45.56 -2.07
N PHE A 124 6.70 -44.83 -0.99
CA PHE A 124 5.70 -44.68 0.08
C PHE A 124 4.46 -43.97 -0.41
N LEU A 125 4.67 -42.85 -1.10
CA LEU A 125 3.57 -42.05 -1.64
C LEU A 125 2.73 -42.87 -2.61
N LYS A 126 3.39 -43.56 -3.55
CA LYS A 126 2.70 -44.48 -4.48
C LYS A 126 1.91 -45.54 -3.74
N GLU A 127 2.49 -46.13 -2.70
CA GLU A 127 1.79 -47.17 -1.92
C GLU A 127 0.53 -46.62 -1.23
N ALA A 128 0.55 -45.35 -0.84
CA ALA A 128 -0.62 -44.70 -0.23
C ALA A 128 -1.79 -44.33 -1.18
N HIS A 129 -1.64 -44.58 -2.49
CA HIS A 129 -2.69 -44.35 -3.51
C HIS A 129 -2.98 -45.54 -4.46
N GLY A 140 -5.78 -38.06 -12.31
CA GLY A 140 -5.11 -36.79 -11.93
C GLY A 140 -3.91 -37.09 -11.05
N ILE A 141 -4.18 -37.86 -10.00
CA ILE A 141 -3.15 -38.59 -9.28
C ILE A 141 -2.55 -39.63 -10.26
N LYS A 142 -3.37 -40.23 -11.09
CA LYS A 142 -2.83 -41.10 -12.15
C LYS A 142 -1.99 -40.34 -13.18
N LYS A 143 -2.43 -39.15 -13.55
CA LYS A 143 -1.67 -38.25 -14.44
C LYS A 143 -0.34 -37.73 -13.84
N LEU A 144 -0.33 -37.45 -12.53
CA LEU A 144 0.89 -37.01 -11.84
C LEU A 144 1.93 -38.12 -11.68
N VAL A 145 1.48 -39.32 -11.32
CA VAL A 145 2.39 -40.47 -11.23
C VAL A 145 3.02 -40.77 -12.59
N LYS A 146 2.21 -40.85 -13.64
CA LYS A 146 2.68 -41.04 -15.03
C LYS A 146 3.85 -40.10 -15.35
N ARG A 147 3.73 -38.83 -14.98
CA ARG A 147 4.79 -37.83 -15.21
C ARG A 147 6.06 -38.12 -14.40
N LEU A 148 5.94 -38.16 -13.07
CA LEU A 148 7.07 -38.40 -12.17
C LEU A 148 7.90 -39.65 -12.55
N ASP A 149 7.22 -40.65 -13.11
CA ASP A 149 7.84 -41.89 -13.61
C ASP A 149 8.78 -41.66 -14.83
N GLY A 150 8.47 -40.69 -15.68
CA GLY A 150 9.38 -40.28 -16.77
C GLY A 150 10.74 -39.76 -16.30
N MET A 151 10.77 -39.23 -15.07
CA MET A 151 11.98 -38.67 -14.43
C MET A 151 12.60 -39.66 -13.43
N GLY A 155 18.03 -39.40 -13.50
CA GLY A 155 17.56 -39.27 -12.13
C GLY A 155 17.02 -37.87 -11.82
N ILE A 156 17.17 -37.45 -10.55
CA ILE A 156 16.77 -36.08 -10.12
C ILE A 156 17.91 -35.13 -10.47
N ARG A 157 17.59 -34.04 -11.17
CA ARG A 157 18.61 -33.10 -11.64
C ARG A 157 18.94 -32.00 -10.65
N GLN A 158 17.97 -31.62 -9.83
CA GLN A 158 18.20 -30.70 -8.71
C GLN A 158 17.72 -31.35 -7.41
N PRO A 159 18.65 -31.89 -6.60
CA PRO A 159 18.31 -32.46 -5.27
C PRO A 159 17.73 -31.46 -4.26
N VAL A 160 18.14 -30.21 -4.36
CA VAL A 160 17.72 -29.17 -3.41
C VAL A 160 16.34 -28.65 -3.78
N ALA A 161 15.41 -28.82 -2.83
CA ALA A 161 14.04 -28.32 -2.93
C ALA A 161 13.87 -27.25 -1.90
N MET A 162 13.04 -26.28 -2.25
CA MET A 162 12.55 -25.25 -1.33
C MET A 162 11.12 -25.62 -1.03
N PHE A 163 10.74 -25.66 0.23
CA PHE A 163 9.48 -26.26 0.63
C PHE A 163 8.81 -25.36 1.66
N CYS A 164 7.75 -24.67 1.23
CA CYS A 164 7.00 -23.75 2.08
C CYS A 164 5.59 -24.34 2.26
N GLN A 165 5.10 -24.29 3.50
CA GLN A 165 3.84 -24.92 3.87
C GLN A 165 3.00 -23.94 4.65
N ARG A 166 1.68 -24.03 4.48
CA ARG A 166 0.71 -23.40 5.38
C ARG A 166 -0.18 -24.51 5.92
N ALA A 167 -0.11 -24.75 7.22
CA ALA A 167 -1.02 -25.67 7.92
C ALA A 167 -2.16 -24.86 8.50
N ASP A 168 -3.40 -25.28 8.26
CA ASP A 168 -4.58 -24.59 8.79
C ASP A 168 -5.20 -25.34 10.01
N TYR A 169 -5.66 -24.57 10.99
CA TYR A 169 -6.21 -25.10 12.23
C TYR A 169 -7.54 -24.42 12.61
N MET A 170 -8.36 -25.19 13.33
CA MET A 170 -9.61 -24.73 13.94
C MET A 170 -9.45 -25.01 15.43
N ALA A 171 -9.81 -24.06 16.29
CA ALA A 171 -10.05 -24.36 17.71
C ALA A 171 -11.40 -25.09 17.75
N SER A 172 -11.43 -26.29 18.33
CA SER A 172 -12.64 -27.12 18.30
C SER A 172 -13.14 -27.39 19.71
N GLN A 173 -14.45 -27.30 19.89
CA GLN A 173 -15.10 -27.44 21.19
C GLN A 173 -15.34 -28.93 21.51
N GLU A 174 -14.50 -29.49 22.37
CA GLU A 174 -14.73 -30.85 22.92
C GLU A 174 -15.88 -30.79 23.94
N ASP A 175 -16.25 -31.93 24.53
CA ASP A 175 -17.49 -32.06 25.32
C ASP A 175 -17.59 -31.34 26.69
N ASP A 176 -16.52 -31.39 27.50
CA ASP A 176 -16.30 -30.55 28.71
C ASP A 176 -16.62 -29.05 28.46
N GLY A 177 -16.41 -28.60 27.22
CA GLY A 177 -16.68 -27.23 26.78
C GLY A 177 -15.41 -26.45 26.47
N GLN A 178 -14.25 -27.09 26.63
CA GLN A 178 -12.94 -26.44 26.44
C GLN A 178 -12.45 -26.70 25.01
N TYR A 179 -11.74 -25.71 24.43
CA TYR A 179 -11.29 -25.80 23.02
C TYR A 179 -9.97 -26.54 22.86
N VAL A 180 -9.88 -27.41 21.83
CA VAL A 180 -8.61 -28.05 21.44
C VAL A 180 -8.23 -27.77 19.98
N LEU A 181 -6.92 -27.71 19.73
CA LEU A 181 -6.39 -27.41 18.41
C LEU A 181 -6.56 -28.64 17.52
N LYS A 182 -7.17 -28.45 16.34
CA LYS A 182 -7.30 -29.52 15.35
C LYS A 182 -7.03 -29.03 13.92
N GLN A 183 -6.19 -29.77 13.20
CA GLN A 183 -5.70 -29.35 11.89
C GLN A 183 -6.73 -29.59 10.77
N VAL A 184 -7.05 -28.55 10.02
CA VAL A 184 -8.07 -28.63 8.99
C VAL A 184 -7.46 -29.12 7.66
N GLU A 185 -6.24 -28.66 7.34
CA GLU A 185 -5.66 -28.83 6.02
C GLU A 185 -4.15 -28.48 6.05
N VAL A 186 -3.40 -29.02 5.10
CA VAL A 186 -2.05 -28.54 4.75
C VAL A 186 -1.99 -28.17 3.28
N ASN A 187 -1.29 -27.09 2.98
CA ASN A 187 -1.14 -26.54 1.64
C ASN A 187 0.32 -26.29 1.35
N THR A 188 0.70 -26.48 0.09
CA THR A 188 2.01 -26.10 -0.41
C THR A 188 1.87 -25.62 -1.85
N GLY A 189 2.95 -25.14 -2.43
CA GLY A 189 2.91 -24.65 -3.81
C GLY A 189 2.39 -23.23 -3.86
N ALA A 190 1.35 -22.98 -4.65
CA ALA A 190 0.92 -21.61 -4.93
C ALA A 190 0.12 -21.10 -3.75
N ILE A 191 0.85 -20.74 -2.71
CA ILE A 191 0.28 -20.42 -1.43
C ILE A 191 -0.18 -18.98 -1.39
N GLY A 192 -1.41 -18.76 -0.93
CA GLY A 192 -1.91 -17.42 -0.65
C GLY A 192 -1.38 -16.80 0.63
N SER A 193 -1.38 -15.47 0.66
CA SER A 193 -1.19 -14.64 1.84
C SER A 193 0.23 -14.50 2.42
N PHE A 194 1.26 -14.72 1.62
CA PHE A 194 2.61 -14.32 2.05
C PHE A 194 2.75 -12.79 2.30
N GLY A 195 2.24 -12.00 1.36
CA GLY A 195 2.36 -10.54 1.40
C GLY A 195 1.25 -9.88 2.21
N THR A 196 0.04 -10.43 2.15
CA THR A 196 -1.10 -9.87 2.87
C THR A 196 -1.00 -10.00 4.40
N THR A 197 -0.33 -11.06 4.87
CA THR A 197 -0.33 -11.39 6.29
C THR A 197 0.32 -10.38 7.20
N PRO A 198 1.57 -9.97 6.94
CA PRO A 198 2.19 -8.96 7.82
C PRO A 198 1.45 -7.61 7.84
N ARG A 199 0.75 -7.30 6.76
CA ARG A 199 0.00 -6.06 6.65
C ARG A 199 -1.31 -6.07 7.44
N PHE A 200 -2.04 -7.17 7.42
CA PHE A 200 -3.24 -7.29 8.26
C PHE A 200 -2.87 -7.26 9.72
N SER A 201 -1.78 -7.94 10.03
CA SER A 201 -1.20 -7.93 11.37
C SER A 201 -0.99 -6.50 11.83
N ARG A 202 -0.35 -5.68 11.00
CA ARG A 202 -0.16 -4.24 11.29
C ARG A 202 -1.47 -3.45 11.35
N LEU A 203 -2.40 -3.78 10.46
CA LEU A 203 -3.70 -3.11 10.43
C LEU A 203 -4.40 -3.22 11.77
N HIS A 204 -4.48 -4.45 12.26
CA HIS A 204 -5.21 -4.75 13.48
C HIS A 204 -4.51 -4.29 14.73
N ARG A 205 -3.18 -4.27 14.75
CA ARG A 205 -2.46 -3.71 15.90
C ARG A 205 -2.79 -2.21 16.03
N ARG A 206 -2.96 -1.57 14.88
CA ARG A 206 -3.28 -0.17 14.81
C ARG A 206 -4.70 0.13 15.27
N MET A 207 -5.68 -0.65 14.82
CA MET A 207 -7.09 -0.47 15.24
C MET A 207 -7.26 -0.64 16.74
N VAL A 208 -6.70 -1.73 17.25
CA VAL A 208 -6.73 -2.07 18.67
C VAL A 208 -6.08 -0.95 19.49
N SER A 209 -4.83 -0.65 19.19
CA SER A 209 -4.09 0.48 19.78
C SER A 209 -4.81 1.84 19.69
N ASN A 210 -5.43 2.14 18.56
CA ASN A 210 -6.17 3.41 18.40
C ASN A 210 -7.42 3.50 19.27
N ALA A 211 -7.98 2.35 19.66
CA ALA A 211 -9.13 2.28 20.56
C ALA A 211 -8.77 2.13 22.05
N GLY A 212 -7.47 2.17 22.38
CA GLY A 212 -7.03 2.13 23.77
C GLY A 212 -6.71 0.77 24.35
N ILE A 213 -7.12 -0.29 23.67
CA ILE A 213 -6.90 -1.65 24.16
C ILE A 213 -5.42 -2.00 23.94
N ASP A 214 -4.90 -2.93 24.75
CA ASP A 214 -3.54 -3.46 24.59
C ASP A 214 -3.37 -4.19 23.23
N SER A 218 2.67 -9.87 21.90
CA SER A 218 2.40 -10.70 23.12
C SER A 218 0.93 -11.12 23.30
N VAL A 219 0.03 -10.26 22.86
CA VAL A 219 -1.35 -10.61 22.62
C VAL A 219 -1.72 -10.49 21.14
N MET A 220 -0.94 -9.72 20.38
CA MET A 220 -1.04 -9.66 18.93
C MET A 220 0.37 -9.84 18.40
N PRO A 221 0.79 -11.11 18.17
CA PRO A 221 2.18 -11.40 17.82
C PRO A 221 2.58 -10.92 16.43
N SER A 222 3.78 -10.35 16.35
CA SER A 222 4.35 -9.88 15.08
C SER A 222 4.46 -11.00 14.06
N ASP A 223 4.10 -10.67 12.84
CA ASP A 223 4.32 -11.53 11.71
C ASP A 223 5.13 -10.81 10.63
N GLN A 224 6.26 -11.42 10.22
CA GLN A 224 7.01 -10.95 9.05
C GLN A 224 7.08 -12.10 8.03
N THR A 225 5.94 -12.46 7.46
CA THR A 225 5.84 -13.59 6.54
C THR A 225 6.32 -13.23 5.13
N ASP A 226 6.15 -11.97 4.72
CA ASP A 226 6.79 -11.50 3.47
C ASP A 226 8.32 -11.65 3.54
N THR A 227 8.90 -11.25 4.67
CA THR A 227 10.31 -11.45 4.95
C THR A 227 10.70 -12.93 4.96
N MET A 228 9.89 -13.77 5.61
CA MET A 228 10.16 -15.19 5.71
C MET A 228 10.38 -15.81 4.35
N ALA A 229 9.44 -15.53 3.43
CA ALA A 229 9.50 -16.01 2.06
C ALA A 229 10.78 -15.49 1.36
N ALA A 230 11.03 -14.19 1.49
CA ALA A 230 12.23 -13.58 0.96
C ALA A 230 13.51 -14.24 1.47
N GLU A 231 13.61 -14.45 2.78
CA GLU A 231 14.80 -15.05 3.39
C GLU A 231 15.05 -16.47 2.89
N THR A 232 13.99 -17.19 2.54
CA THR A 232 14.09 -18.57 2.05
C THR A 232 14.47 -18.63 0.56
N LEU A 233 13.92 -17.70 -0.24
CA LEU A 233 14.34 -17.54 -1.64
C LEU A 233 15.82 -17.12 -1.78
N TYR A 234 16.25 -16.17 -0.96
CA TYR A 234 17.67 -15.78 -0.91
C TYR A 234 18.58 -16.97 -0.59
N GLN A 235 18.21 -17.77 0.41
CA GLN A 235 18.99 -18.97 0.75
C GLN A 235 18.96 -19.99 -0.38
N ALA A 236 17.84 -20.12 -1.10
CA ALA A 236 17.78 -21.00 -2.28
C ALA A 236 18.71 -20.52 -3.40
N TRP A 237 18.66 -19.22 -3.68
CA TRP A 237 19.55 -18.62 -4.66
C TRP A 237 21.00 -18.91 -4.30
N LEU A 238 21.38 -18.71 -3.05
CA LEU A 238 22.73 -19.04 -2.59
C LEU A 238 23.10 -20.51 -2.76
N GLU A 239 22.18 -21.44 -2.47
CA GLU A 239 22.47 -22.87 -2.67
C GLU A 239 22.70 -23.24 -4.14
N PHE A 240 22.10 -22.50 -5.06
CA PHE A 240 22.35 -22.69 -6.49
C PHE A 240 23.76 -22.20 -6.90
N GLY A 241 24.21 -21.10 -6.30
CA GLY A 241 25.61 -20.71 -6.33
C GLY A 241 26.13 -20.12 -7.63
N ASN A 242 25.27 -19.34 -8.31
CA ASN A 242 25.61 -18.65 -9.55
C ASN A 242 25.25 -17.19 -9.38
N ALA A 243 26.26 -16.33 -9.30
CA ALA A 243 26.07 -14.89 -9.05
C ALA A 243 25.23 -14.19 -10.10
N GLU A 244 25.28 -14.68 -11.34
CA GLU A 244 24.54 -14.09 -12.46
C GLU A 244 23.14 -14.68 -12.69
N ALA A 245 22.78 -15.74 -11.94
CA ALA A 245 21.46 -16.35 -12.02
C ALA A 245 20.33 -15.55 -11.41
N VAL A 246 19.14 -15.72 -11.99
CA VAL A 246 17.93 -14.98 -11.65
C VAL A 246 16.95 -15.88 -10.96
N ILE A 247 16.01 -15.27 -10.27
CA ILE A 247 14.89 -15.96 -9.68
C ILE A 247 13.66 -15.72 -10.55
N LEU A 248 12.98 -16.79 -10.96
CA LEU A 248 11.84 -16.70 -11.85
C LEU A 248 10.57 -16.73 -11.04
N PHE A 249 9.71 -15.72 -11.25
CA PHE A 249 8.36 -15.70 -10.69
C PHE A 249 7.45 -16.06 -11.84
N LEU A 250 6.85 -17.25 -11.74
CA LEU A 250 5.97 -17.78 -12.76
C LEU A 250 4.52 -17.59 -12.33
N HIS A 251 3.78 -16.79 -13.10
CA HIS A 251 2.37 -16.46 -12.80
C HIS A 251 1.45 -16.99 -13.87
N GLY A 252 0.16 -17.08 -13.55
CA GLY A 252 -0.87 -17.49 -14.49
C GLY A 252 -1.22 -16.39 -15.46
N SER A 253 -1.12 -15.13 -15.02
CA SER A 253 -1.36 -13.98 -15.90
C SER A 253 -0.76 -12.71 -15.26
N PRO A 254 -0.70 -11.58 -16.01
CA PRO A 254 -0.15 -10.33 -15.45
C PRO A 254 -0.96 -9.82 -14.22
N ASN A 255 -2.28 -10.01 -14.27
CA ASN A 255 -3.17 -9.60 -13.21
C ASN A 255 -3.62 -10.76 -12.32
N SER A 256 -2.77 -11.77 -12.17
CA SER A 256 -3.03 -12.91 -11.30
C SER A 256 -3.30 -12.48 -9.88
N HIS A 257 -4.06 -13.30 -9.16
CA HIS A 257 -4.41 -12.99 -7.78
C HIS A 257 -3.20 -13.12 -6.82
N LEU A 258 -2.12 -13.71 -7.29
CA LEU A 258 -0.91 -13.82 -6.51
C LEU A 258 0.10 -12.72 -6.81
N MET A 259 -0.15 -11.93 -7.84
CA MET A 259 0.85 -11.04 -8.40
C MET A 259 1.44 -10.04 -7.41
N LEU A 260 0.56 -9.32 -6.71
CA LEU A 260 0.99 -8.33 -5.72
C LEU A 260 1.60 -8.92 -4.47
N GLU A 261 1.19 -10.11 -4.08
CA GLU A 261 1.85 -10.78 -2.98
C GLU A 261 3.26 -11.14 -3.44
N SER A 262 3.39 -11.62 -4.67
CA SER A 262 4.70 -11.93 -5.28
C SER A 262 5.63 -10.72 -5.32
N ARG A 263 5.10 -9.56 -5.69
CA ARG A 263 5.87 -8.34 -5.78
C ARG A 263 6.31 -7.87 -4.43
N GLN A 264 5.46 -8.07 -3.45
CA GLN A 264 5.75 -7.68 -2.07
C GLN A 264 6.82 -8.54 -1.44
N ILE A 265 6.93 -9.79 -1.89
CA ILE A 265 8.05 -10.64 -1.47
C ILE A 265 9.35 -10.01 -1.93
N THR A 266 9.39 -9.55 -3.18
CA THR A 266 10.58 -8.95 -3.76
C THR A 266 10.96 -7.64 -3.10
N HIS A 267 9.97 -6.91 -2.59
CA HIS A 267 10.28 -5.66 -1.87
C HIS A 267 11.05 -5.99 -0.59
N GLN A 268 10.75 -7.14 0.02
CA GLN A 268 11.55 -7.60 1.16
C GLN A 268 12.92 -8.17 0.77
N LEU A 269 12.97 -8.88 -0.35
CA LEU A 269 14.23 -9.48 -0.83
C LEU A 269 15.30 -8.43 -1.13
N GLU A 270 14.89 -7.30 -1.70
CA GLU A 270 15.76 -6.13 -1.92
C GLU A 270 16.44 -5.60 -0.67
N SER A 271 15.68 -5.43 0.40
CA SER A 271 16.21 -4.84 1.63
C SER A 271 16.92 -5.85 2.57
N ILE A 272 17.01 -7.13 2.21
CA ILE A 272 17.82 -8.10 2.96
C ILE A 272 19.06 -8.55 2.16
N SER A 273 19.52 -7.73 1.21
CA SER A 273 20.75 -8.00 0.49
C SER A 273 21.39 -6.73 -0.10
N THR A 274 22.69 -6.78 -0.44
CA THR A 274 23.37 -5.64 -1.11
C THR A 274 23.31 -5.75 -2.63
N GLU A 275 23.65 -6.93 -3.14
CA GLU A 275 23.77 -7.13 -4.58
C GLU A 275 22.36 -7.48 -4.98
N ARG A 276 21.69 -6.48 -5.51
CA ARG A 276 20.45 -6.69 -6.29
C ARG A 276 20.32 -8.08 -6.98
N ILE A 277 19.60 -9.02 -6.37
CA ILE A 277 19.21 -10.25 -7.09
C ILE A 277 18.08 -9.96 -8.07
N LYS A 278 18.27 -10.30 -9.34
CA LYS A 278 17.25 -10.03 -10.33
C LYS A 278 16.15 -11.08 -10.19
N CYS A 279 14.93 -10.59 -10.13
CA CYS A 279 13.74 -11.40 -10.09
C CYS A 279 13.03 -11.13 -11.40
N ARG A 280 12.68 -12.15 -12.16
CA ARG A 280 12.09 -11.94 -13.46
C ARG A 280 10.66 -12.45 -13.47
N PHE A 281 9.72 -11.56 -13.75
CA PHE A 281 8.28 -11.89 -13.73
C PHE A 281 7.81 -12.25 -15.13
N ILE A 282 7.39 -13.51 -15.29
CA ILE A 282 6.98 -14.06 -16.57
C ILE A 282 5.64 -14.79 -16.38
N THR A 283 4.71 -14.71 -17.33
CA THR A 283 3.56 -15.60 -17.30
C THR A 283 3.96 -16.92 -17.89
N ILE A 284 3.13 -17.92 -17.62
CA ILE A 284 3.34 -19.26 -18.15
C ILE A 284 3.13 -19.33 -19.67
N THR A 285 2.25 -18.50 -20.23
CA THR A 285 2.12 -18.40 -21.71
C THR A 285 3.39 -17.90 -22.40
N GLU A 286 3.97 -16.84 -21.85
CA GLU A 286 5.22 -16.23 -22.35
C GLU A 286 6.39 -17.21 -22.21
N GLY A 287 6.38 -17.97 -21.11
CA GLY A 287 7.38 -19.00 -20.86
C GLY A 287 7.56 -20.09 -21.94
N LEU A 288 6.56 -20.29 -22.81
CA LEU A 288 6.69 -21.24 -23.91
C LEU A 288 7.71 -20.81 -24.97
N ASN A 289 7.88 -19.49 -25.13
CA ASN A 289 8.84 -18.90 -26.07
C ASN A 289 10.16 -18.53 -25.42
N ARG A 290 10.13 -18.21 -24.14
CA ARG A 290 11.25 -17.56 -23.48
C ARG A 290 12.00 -18.46 -22.52
N LEU A 291 11.51 -19.69 -22.28
CA LEU A 291 12.22 -20.66 -21.44
C LEU A 291 12.54 -21.88 -22.30
N LYS A 292 13.81 -22.26 -22.32
CA LYS A 292 14.23 -23.57 -22.81
C LYS A 292 15.17 -24.16 -21.79
N ARG A 293 15.48 -25.43 -21.97
CA ARG A 293 16.40 -26.13 -21.10
C ARG A 293 17.68 -26.32 -21.89
N ASP A 294 18.82 -26.18 -21.23
CA ASP A 294 20.10 -26.48 -21.88
C ASP A 294 20.20 -27.98 -22.13
N PRO A 295 20.62 -28.39 -23.34
CA PRO A 295 20.78 -29.83 -23.58
C PRO A 295 21.99 -30.52 -22.90
N ASN A 296 22.92 -29.73 -22.35
CA ASN A 296 24.16 -30.25 -21.74
C ASN A 296 24.15 -30.14 -20.24
N ASN A 297 23.89 -28.94 -19.73
CA ASN A 297 23.71 -28.65 -18.30
C ASN A 297 22.40 -29.21 -17.74
N PHE A 298 21.36 -29.24 -18.57
CA PHE A 298 19.97 -29.34 -18.13
C PHE A 298 19.55 -28.17 -17.26
N SER A 299 20.19 -27.02 -17.43
CA SER A 299 19.82 -25.84 -16.68
C SER A 299 18.74 -25.10 -17.45
N LEU A 300 17.89 -24.41 -16.71
CA LEU A 300 16.76 -23.68 -17.28
C LEU A 300 17.26 -22.29 -17.61
N ILE A 301 17.04 -21.86 -18.86
CA ILE A 301 17.52 -20.58 -19.36
C ILE A 301 16.36 -19.69 -19.83
N LEU A 302 16.46 -18.40 -19.53
CA LEU A 302 15.45 -17.40 -19.85
C LEU A 302 16.04 -16.46 -20.88
N ASP A 303 15.30 -16.23 -21.98
CA ASP A 303 15.76 -15.41 -23.12
C ASP A 303 17.15 -15.76 -23.63
N ASP A 304 17.45 -17.06 -23.67
CA ASP A 304 18.75 -17.55 -24.11
C ASP A 304 19.99 -16.97 -23.39
N LYS A 305 19.79 -16.14 -22.36
CA LYS A 305 20.88 -15.41 -21.70
C LYS A 305 21.01 -15.63 -20.17
N PHE A 306 19.89 -15.83 -19.47
CA PHE A 306 19.89 -15.84 -18.02
C PHE A 306 19.62 -17.22 -17.47
N VAL A 307 20.54 -17.69 -16.63
CA VAL A 307 20.36 -18.93 -15.92
C VAL A 307 19.37 -18.65 -14.78
N VAL A 308 18.48 -19.60 -14.53
CA VAL A 308 17.44 -19.44 -13.53
C VAL A 308 17.82 -20.35 -12.39
N ALA A 309 18.07 -19.76 -11.22
CA ALA A 309 18.46 -20.51 -10.01
C ALA A 309 17.25 -21.11 -9.30
N VAL A 310 16.15 -20.35 -9.22
CA VAL A 310 14.95 -20.73 -8.49
C VAL A 310 13.76 -20.46 -9.38
N VAL A 311 12.86 -21.43 -9.52
CA VAL A 311 11.56 -21.16 -10.15
C VAL A 311 10.50 -21.07 -9.05
N PHE A 312 10.09 -19.84 -8.75
CA PHE A 312 9.07 -19.61 -7.78
C PHE A 312 7.72 -19.73 -8.50
N ASP A 313 7.06 -20.88 -8.32
CA ASP A 313 5.75 -21.19 -8.92
C ASP A 313 4.63 -20.42 -8.17
N ARG A 314 3.93 -19.56 -8.91
CA ARG A 314 2.77 -18.86 -8.39
C ARG A 314 1.61 -19.15 -9.34
N LEU A 315 1.43 -20.44 -9.62
CA LEU A 315 0.41 -20.97 -10.52
C LEU A 315 0.66 -20.51 -11.98
N MET A 324 2.00 -26.71 -19.02
CA MET A 324 2.01 -27.95 -18.22
C MET A 324 3.12 -28.95 -18.60
N ASP A 325 3.30 -29.17 -19.91
CA ASP A 325 4.50 -29.83 -20.45
C ASP A 325 5.74 -29.02 -20.07
N LEU A 326 5.64 -27.71 -20.24
CA LEU A 326 6.63 -26.75 -19.77
C LEU A 326 6.92 -26.90 -18.29
N ASN A 327 5.87 -26.99 -17.47
CA ASN A 327 6.00 -27.22 -16.02
C ASN A 327 6.91 -28.40 -15.64
N PHE A 328 6.85 -29.49 -16.39
CA PHE A 328 7.68 -30.67 -16.10
C PHE A 328 9.05 -30.60 -16.79
N VAL A 329 9.12 -29.89 -17.91
CA VAL A 329 10.41 -29.44 -18.48
C VAL A 329 11.17 -28.55 -17.47
N ILE A 330 10.47 -27.64 -16.80
CA ILE A 330 11.07 -26.89 -15.68
C ILE A 330 11.41 -27.83 -14.49
N ASP A 331 10.51 -28.75 -14.18
CA ASP A 331 10.70 -29.65 -13.04
C ASP A 331 11.91 -30.58 -13.19
N HIS A 332 12.18 -31.01 -14.43
CA HIS A 332 13.34 -31.84 -14.74
C HIS A 332 14.47 -30.95 -15.31
N SER A 333 14.99 -30.09 -14.45
CA SER A 333 16.05 -29.17 -14.80
C SER A 333 16.77 -28.80 -13.53
N THR A 334 17.88 -28.08 -13.61
CA THR A 334 18.67 -27.80 -12.43
C THR A 334 18.13 -26.68 -11.54
N ALA A 335 17.10 -25.94 -11.98
CA ALA A 335 16.54 -24.89 -11.14
C ALA A 335 15.93 -25.48 -9.87
N ILE A 336 16.05 -24.75 -8.76
CA ILE A 336 15.39 -25.15 -7.53
C ILE A 336 13.91 -24.85 -7.72
N LYS A 337 13.05 -25.83 -7.44
CA LYS A 337 11.59 -25.68 -7.52
C LYS A 337 11.03 -25.44 -6.13
N THR A 338 9.80 -24.94 -6.08
CA THR A 338 9.22 -24.33 -4.87
C THR A 338 7.75 -24.72 -4.62
N PRO A 339 7.45 -25.99 -4.37
CA PRO A 339 8.39 -27.08 -4.33
C PRO A 339 8.25 -27.92 -5.59
N PRO A 340 9.11 -28.93 -5.75
CA PRO A 340 8.92 -29.76 -6.94
C PRO A 340 7.60 -30.51 -6.93
N TYR A 341 7.22 -31.05 -8.08
CA TYR A 341 5.89 -31.64 -8.25
C TYR A 341 5.57 -32.80 -7.31
N ILE A 342 6.59 -33.59 -6.94
CA ILE A 342 6.42 -34.69 -5.97
C ILE A 342 5.66 -34.30 -4.70
N PHE A 343 5.79 -33.03 -4.29
CA PHE A 343 5.12 -32.54 -3.09
C PHE A 343 3.63 -32.42 -3.24
N ALA A 344 3.16 -32.21 -4.47
CA ALA A 344 1.72 -32.24 -4.75
C ALA A 344 1.09 -33.60 -4.44
N LEU A 345 1.85 -34.68 -4.67
CA LEU A 345 1.42 -36.03 -4.30
C LEU A 345 1.38 -36.24 -2.76
N SER A 346 2.34 -35.66 -2.05
CA SER A 346 2.37 -35.79 -0.59
C SER A 346 1.40 -34.85 0.14
N HIS A 347 0.67 -34.00 -0.58
CA HIS A 347 -0.29 -33.09 0.06
C HIS A 347 -1.74 -33.30 -0.41
N THR A 348 -2.00 -34.43 -1.05
CA THR A 348 -3.37 -34.81 -1.28
C THR A 348 -4.04 -34.98 0.07
N LYS A 349 -5.35 -34.89 0.05
CA LYS A 349 -6.13 -35.10 1.27
C LYS A 349 -6.18 -36.58 1.60
N ARG A 350 -6.02 -37.43 0.59
CA ARG A 350 -5.81 -38.86 0.80
C ARG A 350 -4.62 -39.13 1.76
N MET A 351 -3.54 -38.44 1.52
CA MET A 351 -2.30 -38.63 2.26
C MET A 351 -2.43 -38.10 3.66
N GLN A 352 -3.13 -36.99 3.80
CA GLN A 352 -3.38 -36.40 5.10
C GLN A 352 -4.22 -37.35 5.94
N GLN A 353 -5.20 -37.96 5.29
CA GLN A 353 -6.02 -39.00 5.92
C GLN A 353 -5.19 -40.25 6.22
N VAL A 354 -4.28 -40.62 5.32
CA VAL A 354 -3.37 -41.76 5.56
C VAL A 354 -2.45 -41.51 6.77
N PHE A 355 -2.04 -40.29 7.01
CA PHE A 355 -1.19 -40.00 8.19
C PHE A 355 -1.90 -40.14 9.54
N THR A 356 -3.24 -40.20 9.54
CA THR A 356 -4.02 -40.43 10.77
C THR A 356 -4.13 -41.89 11.19
N LYS A 357 -3.73 -42.81 10.31
CA LYS A 357 -3.66 -44.22 10.64
C LYS A 357 -2.45 -44.49 11.55
N PRO A 358 -2.55 -45.50 12.45
CA PRO A 358 -1.45 -45.84 13.38
C PRO A 358 -0.11 -46.16 12.70
N GLY A 359 0.99 -45.69 13.28
CA GLY A 359 2.34 -45.93 12.75
C GLY A 359 2.82 -45.00 11.64
N MET A 360 1.91 -44.43 10.86
CA MET A 360 2.27 -43.74 9.63
C MET A 360 3.05 -42.45 9.84
N VAL A 361 2.85 -41.77 10.95
CA VAL A 361 3.68 -40.62 11.34
C VAL A 361 4.98 -41.10 11.96
N GLU A 362 4.87 -42.06 12.88
CA GLU A 362 6.02 -42.58 13.65
C GLU A 362 7.16 -43.03 12.72
N LYS A 363 6.79 -43.55 11.55
CA LYS A 363 7.70 -44.03 10.50
C LYS A 363 8.79 -43.01 10.11
N PHE A 364 8.47 -41.72 10.12
CA PHE A 364 9.43 -40.68 9.73
C PHE A 364 10.14 -39.96 10.88
N PHE A 365 10.10 -40.53 12.09
CA PHE A 365 10.60 -39.89 13.33
C PHE A 365 11.25 -40.84 14.36
N HIS A 372 8.45 -35.38 21.72
CA HIS A 372 8.66 -35.94 20.42
C HIS A 372 7.76 -35.20 19.45
N MET A 373 8.27 -35.01 18.25
CA MET A 373 7.59 -34.38 17.15
C MET A 373 6.38 -35.19 16.69
N ALA A 374 6.50 -36.50 16.68
CA ALA A 374 5.38 -37.39 16.30
C ALA A 374 4.13 -37.24 17.18
N GLU A 375 4.31 -37.13 18.50
CA GLU A 375 3.17 -37.03 19.44
C GLU A 375 2.45 -35.69 19.34
N ALA A 376 3.24 -34.62 19.26
CA ALA A 376 2.76 -33.28 18.93
C ALA A 376 1.87 -33.27 17.71
N ILE A 377 2.30 -33.94 16.66
CA ILE A 377 1.50 -34.11 15.44
C ILE A 377 0.21 -34.93 15.70
N ARG A 378 0.30 -36.03 16.45
CA ARG A 378 -0.89 -36.82 16.74
C ARG A 378 -1.95 -36.02 17.47
N LYS A 379 -1.54 -35.15 18.40
CA LYS A 379 -2.50 -34.29 19.16
C LYS A 379 -3.45 -33.45 18.29
N VAL A 380 -2.96 -32.95 17.15
CA VAL A 380 -3.77 -32.08 16.24
C VAL A 380 -4.50 -32.81 15.11
N GLN A 381 -4.25 -34.10 14.92
CA GLN A 381 -4.89 -34.89 13.84
C GLN A 381 -6.35 -35.15 14.14
N THR A 382 -7.13 -35.46 13.11
CA THR A 382 -8.52 -35.88 13.28
C THR A 382 -8.67 -37.21 12.60
N LYS A 383 -8.93 -38.27 13.37
CA LYS A 383 -9.00 -39.62 12.81
C LYS A 383 -9.93 -39.59 11.59
N GLY A 384 -9.43 -40.08 10.46
CA GLY A 384 -10.20 -40.18 9.23
C GLY A 384 -10.11 -41.59 8.64
N TRP A 385 -11.25 -42.26 8.47
CA TRP A 385 -11.31 -43.68 8.06
C TRP A 385 -11.69 -43.85 6.61
N ALA A 386 -10.94 -44.69 5.90
CA ALA A 386 -11.16 -44.91 4.47
C ALA A 386 -12.38 -45.76 4.20
N ILE A 387 -12.77 -45.78 2.94
CA ILE A 387 -13.65 -46.82 2.40
C ILE A 387 -12.95 -47.42 1.18
N ALA A 401 -21.36 -43.42 14.23
CA ALA A 401 -21.67 -43.19 12.83
C ALA A 401 -23.14 -43.48 12.64
N THR A 402 -23.52 -44.74 12.86
CA THR A 402 -24.90 -45.16 12.68
C THR A 402 -25.60 -45.14 14.03
N GLU A 403 -25.54 -43.98 14.68
CA GLU A 403 -26.24 -43.66 15.91
C GLU A 403 -26.22 -42.13 16.16
N ASN A 404 -25.06 -41.52 16.01
CA ASN A 404 -24.90 -40.06 16.02
C ASN A 404 -24.19 -39.68 14.69
N PRO A 405 -24.88 -39.85 13.54
CA PRO A 405 -24.30 -39.50 12.23
C PRO A 405 -24.04 -38.01 12.01
N HIS A 406 -24.55 -37.17 12.90
CA HIS A 406 -24.28 -35.74 12.89
C HIS A 406 -22.87 -35.43 13.42
N ARG A 407 -22.24 -36.39 14.07
CA ARG A 407 -20.84 -36.29 14.53
C ARG A 407 -19.85 -36.41 13.38
N TYR A 408 -20.28 -36.95 12.23
CA TYR A 408 -19.40 -37.29 11.11
C TYR A 408 -19.70 -36.53 9.82
N VAL A 409 -18.72 -36.58 8.91
CA VAL A 409 -18.82 -36.04 7.56
C VAL A 409 -18.18 -37.04 6.60
N LEU A 410 -18.79 -37.20 5.44
CA LEU A 410 -18.18 -37.99 4.36
C LEU A 410 -17.51 -37.03 3.39
N LYS A 411 -16.19 -37.00 3.39
CA LYS A 411 -15.40 -36.03 2.63
C LYS A 411 -14.77 -36.67 1.41
N ASN A 412 -14.46 -35.86 0.40
CA ASN A 412 -13.75 -36.32 -0.79
C ASN A 412 -12.26 -36.10 -0.56
N ASN A 413 -11.40 -36.94 -1.15
CA ASN A 413 -9.93 -36.85 -0.92
C ASN A 413 -9.05 -36.13 -2.01
N GLY A 414 -9.61 -35.74 -3.15
CA GLY A 414 -8.89 -34.99 -4.20
C GLY A 414 -7.89 -35.81 -5.04
N ASP A 421 -17.08 -31.03 -2.08
CA ASP A 421 -18.03 -32.12 -2.31
C ASP A 421 -18.07 -33.10 -1.12
N MET A 422 -19.16 -33.09 -0.35
CA MET A 422 -19.21 -33.80 0.94
C MET A 422 -20.60 -33.91 1.53
N PHE A 423 -20.84 -34.97 2.30
CA PHE A 423 -22.18 -35.34 2.79
C PHE A 423 -22.27 -35.32 4.32
N PHE A 424 -23.39 -34.81 4.85
CA PHE A 424 -23.57 -34.65 6.29
C PHE A 424 -24.78 -35.43 6.81
N ASN A 425 -24.79 -35.66 8.12
CA ASN A 425 -25.97 -36.20 8.85
C ASN A 425 -26.43 -37.56 8.27
N GLU A 426 -27.74 -37.77 8.11
CA GLU A 426 -28.29 -39.08 7.66
C GLU A 426 -27.94 -39.39 6.17
N ASP A 427 -27.60 -38.35 5.39
CA ASP A 427 -27.02 -38.53 4.03
C ASP A 427 -25.77 -39.38 3.96
N ILE A 428 -25.01 -39.47 5.05
CA ILE A 428 -23.79 -40.28 5.11
C ILE A 428 -24.14 -41.77 4.98
N LEU A 429 -25.17 -42.23 5.69
CA LEU A 429 -25.64 -43.61 5.59
C LEU A 429 -26.30 -43.86 4.22
N LYS A 430 -27.07 -42.89 3.77
CA LYS A 430 -27.70 -42.94 2.44
C LYS A 430 -26.69 -43.09 1.31
N LYS A 431 -25.67 -42.24 1.31
CA LYS A 431 -24.66 -42.29 0.27
C LYS A 431 -23.74 -43.51 0.39
N LEU A 432 -23.53 -44.05 1.60
CA LEU A 432 -22.68 -45.24 1.77
C LEU A 432 -23.23 -46.46 1.04
N LYS A 433 -24.52 -46.70 1.18
CA LYS A 433 -25.16 -47.86 0.54
C LYS A 433 -25.33 -47.64 -0.98
N THR A 434 -25.86 -46.48 -1.34
CA THR A 434 -26.04 -46.01 -2.73
C THR A 434 -24.80 -46.10 -3.62
N MET A 435 -23.72 -45.52 -3.13
CA MET A 435 -22.42 -45.36 -3.81
C MET A 435 -21.86 -46.63 -4.47
N ALA A 436 -21.34 -46.47 -5.69
CA ALA A 436 -20.68 -47.55 -6.43
C ALA A 436 -19.22 -47.68 -5.99
N PRO A 437 -18.69 -48.93 -5.92
CA PRO A 437 -17.35 -49.17 -5.33
C PRO A 437 -16.17 -48.46 -6.02
N ALA A 438 -16.35 -48.07 -7.28
CA ALA A 438 -15.41 -47.18 -7.95
C ALA A 438 -15.22 -45.90 -7.15
N ASP A 439 -16.33 -45.30 -6.72
CA ASP A 439 -16.31 -44.05 -5.94
C ASP A 439 -15.75 -44.17 -4.50
N ARG A 440 -15.88 -45.35 -3.90
CA ARG A 440 -15.39 -45.60 -2.53
C ARG A 440 -13.93 -45.21 -2.29
N ASP A 441 -13.07 -45.39 -3.29
CA ASP A 441 -11.65 -45.06 -3.14
C ASP A 441 -11.34 -43.54 -3.19
N PHE A 442 -12.35 -42.70 -3.42
CA PHE A 442 -12.18 -41.22 -3.49
C PHE A 442 -12.77 -40.44 -2.32
N TYR A 443 -13.29 -41.13 -1.31
CA TYR A 443 -13.92 -40.48 -0.16
C TYR A 443 -13.43 -41.12 1.13
N TYR A 444 -13.51 -40.38 2.23
CA TYR A 444 -13.28 -40.91 3.58
C TYR A 444 -14.24 -40.34 4.61
N LEU A 445 -14.31 -41.00 5.76
CA LEU A 445 -15.13 -40.59 6.90
C LEU A 445 -14.27 -39.86 7.92
N THR A 446 -14.68 -38.65 8.34
CA THR A 446 -14.07 -37.98 9.50
C THR A 446 -15.08 -37.40 10.50
N GLU A 447 -14.58 -37.16 11.70
CA GLU A 447 -15.34 -36.53 12.77
C GLU A 447 -15.51 -35.08 12.36
N LYS A 448 -16.76 -34.61 12.40
CA LYS A 448 -17.07 -33.20 12.19
C LYS A 448 -16.63 -32.45 13.42
N LEU A 449 -15.95 -31.33 13.25
CA LEU A 449 -15.48 -30.54 14.38
C LEU A 449 -16.53 -29.51 14.79
N ARG A 450 -16.66 -29.30 16.09
CA ARG A 450 -17.58 -28.30 16.63
C ARG A 450 -16.80 -27.01 16.79
N PRO A 451 -16.95 -26.06 15.85
CA PRO A 451 -15.97 -24.97 15.79
C PRO A 451 -16.31 -23.78 16.70
N MET A 452 -15.27 -23.11 17.20
CA MET A 452 -15.37 -21.93 18.06
C MET A 452 -16.00 -20.78 17.31
N VAL A 453 -17.05 -20.20 17.87
CA VAL A 453 -17.78 -19.11 17.27
C VAL A 453 -17.47 -17.86 18.10
N ILE A 454 -17.05 -16.81 17.41
CA ILE A 454 -16.79 -15.52 18.04
C ILE A 454 -17.55 -14.44 17.28
N LYS A 455 -17.58 -13.24 17.86
CA LYS A 455 -18.26 -12.08 17.28
C LYS A 455 -17.20 -11.09 16.75
N ASN A 456 -17.47 -10.53 15.57
CA ASN A 456 -16.60 -9.54 14.97
C ASN A 456 -17.41 -8.74 13.95
N HIS A 457 -16.78 -7.71 13.38
CA HIS A 457 -17.40 -6.92 12.33
C HIS A 457 -16.66 -7.13 11.01
N PHE A 458 -17.40 -7.20 9.91
CA PHE A 458 -16.84 -7.53 8.59
C PHE A 458 -16.91 -6.34 7.63
N VAL A 459 -15.79 -5.94 7.06
CA VAL A 459 -15.71 -4.76 6.20
C VAL A 459 -15.49 -5.21 4.77
N ARG A 460 -16.42 -4.88 3.88
CA ARG A 460 -16.37 -5.31 2.49
C ARG A 460 -16.42 -4.12 1.56
N PRO A 461 -15.78 -4.25 0.37
CA PRO A 461 -15.85 -3.29 -0.73
C PRO A 461 -17.27 -2.90 -1.17
N ASN A 462 -17.53 -1.59 -1.25
CA ASN A 462 -18.80 -1.02 -1.79
C ASN A 462 -20.08 -1.49 -1.09
N MET A 463 -20.00 -1.82 0.21
CA MET A 463 -21.19 -2.03 1.04
C MET A 463 -20.96 -1.57 2.46
N ALA A 464 -22.05 -1.39 3.20
CA ALA A 464 -21.97 -1.08 4.62
C ALA A 464 -21.36 -2.25 5.36
N PRO A 465 -20.63 -1.97 6.47
CA PRO A 465 -20.04 -3.07 7.23
C PRO A 465 -21.09 -3.84 8.01
N THR A 466 -20.87 -5.13 8.16
CA THR A 466 -21.75 -6.03 8.87
C THR A 466 -21.28 -6.17 10.33
N LEU A 467 -22.07 -5.61 11.25
CA LEU A 467 -21.69 -5.49 12.66
C LEU A 467 -22.23 -6.65 13.51
N ASN A 468 -21.39 -7.12 14.42
CA ASN A 468 -21.75 -8.15 15.40
C ASN A 468 -22.18 -9.49 14.77
N LEU A 469 -21.46 -9.93 13.73
CA LEU A 469 -21.66 -11.25 13.17
C LEU A 469 -21.04 -12.32 14.06
N ASP A 470 -21.68 -13.49 14.11
CA ASP A 470 -21.00 -14.71 14.54
C ASP A 470 -20.04 -15.13 13.45
N ALA A 471 -18.79 -15.42 13.80
CA ALA A 471 -17.81 -15.98 12.85
C ALA A 471 -16.95 -17.05 13.49
N THR A 472 -16.40 -17.93 12.65
CA THR A 472 -15.47 -18.97 13.09
C THR A 472 -14.12 -18.65 12.45
N PRO A 473 -13.09 -18.35 13.28
CA PRO A 473 -11.76 -18.13 12.75
C PRO A 473 -11.02 -19.45 12.39
N GLU A 474 -10.03 -19.32 11.52
CA GLU A 474 -9.22 -20.43 11.04
C GLU A 474 -7.78 -19.92 11.02
N LEU A 475 -6.93 -20.58 11.79
CA LEU A 475 -5.52 -20.18 11.98
C LEU A 475 -4.61 -20.88 10.98
N GLY A 476 -3.85 -20.13 10.20
CA GLY A 476 -2.87 -20.69 9.27
C GLY A 476 -1.46 -20.41 9.75
N ILE A 477 -0.66 -21.46 9.95
CA ILE A 477 0.73 -21.28 10.33
C ILE A 477 1.65 -21.51 9.13
N PHE A 478 2.44 -20.51 8.78
CA PHE A 478 3.46 -20.62 7.74
C PHE A 478 4.81 -21.13 8.25
N GLY A 479 5.46 -21.97 7.45
CA GLY A 479 6.89 -22.30 7.65
C GLY A 479 7.55 -22.81 6.38
N CYS A 480 8.84 -22.53 6.21
CA CYS A 480 9.58 -23.01 5.05
C CYS A 480 10.82 -23.79 5.41
N LEU A 481 11.18 -24.68 4.51
CA LEU A 481 12.38 -25.51 4.54
C LEU A 481 13.24 -25.20 3.33
N LEU A 482 14.53 -25.46 3.47
CA LEU A 482 15.40 -25.73 2.33
C LEU A 482 16.10 -27.07 2.60
N GLY A 483 15.86 -28.04 1.72
CA GLY A 483 16.31 -29.40 1.98
C GLY A 483 16.73 -30.13 0.74
N ASN A 484 17.53 -31.18 0.94
CA ASN A 484 18.07 -31.99 -0.14
C ASN A 484 17.30 -33.28 -0.16
N MET A 485 16.65 -33.60 -1.27
CA MET A 485 15.76 -34.74 -1.33
C MET A 485 16.41 -36.09 -1.60
N GLU A 486 17.72 -36.09 -1.88
CA GLU A 486 18.46 -37.34 -2.12
C GLU A 486 19.01 -37.89 -0.82
N THR A 487 19.49 -36.99 0.03
CA THR A 487 19.93 -37.33 1.39
C THR A 487 18.79 -37.23 2.44
N GLY A 488 17.84 -36.33 2.22
CA GLY A 488 16.80 -36.04 3.24
C GLY A 488 17.27 -35.11 4.36
N LYS A 489 18.41 -34.46 4.16
CA LYS A 489 18.96 -33.49 5.10
C LYS A 489 18.37 -32.12 4.85
N VAL A 490 18.10 -31.39 5.92
CA VAL A 490 17.61 -30.03 5.86
C VAL A 490 18.74 -29.07 6.21
N SER A 491 18.93 -28.04 5.39
CA SER A 491 19.99 -27.04 5.60
C SER A 491 19.48 -25.70 6.14
N TYR A 492 18.18 -25.46 6.02
CA TYR A 492 17.62 -24.20 6.43
C TYR A 492 16.17 -24.36 6.87
N PHE A 493 15.86 -23.86 8.08
CA PHE A 493 14.48 -23.64 8.55
C PHE A 493 14.20 -22.14 8.65
N SER A 494 13.17 -21.67 7.97
CA SER A 494 12.76 -20.26 8.02
C SER A 494 12.09 -19.96 9.34
N ARG A 495 11.89 -18.67 9.63
CA ARG A 495 11.04 -18.25 10.74
C ARG A 495 9.62 -18.75 10.46
N THR A 496 8.81 -18.87 11.51
CA THR A 496 7.39 -19.17 11.36
C THR A 496 6.61 -17.90 11.14
N GLY A 497 5.44 -18.07 10.52
CA GLY A 497 4.48 -17.00 10.31
C GLY A 497 3.08 -17.48 10.64
N HIS A 498 2.13 -16.56 10.64
CA HIS A 498 0.75 -16.92 10.98
C HIS A 498 -0.26 -15.90 10.49
N MET A 499 -1.42 -16.41 10.09
CA MET A 499 -2.52 -15.61 9.58
C MET A 499 -3.82 -16.19 10.09
N MET A 500 -4.92 -15.53 9.77
CA MET A 500 -6.23 -16.03 10.19
C MET A 500 -7.26 -15.65 9.17
N LYS A 501 -8.29 -16.48 9.05
CA LYS A 501 -9.41 -16.20 8.16
C LYS A 501 -10.67 -16.56 8.90
N SER A 502 -11.65 -15.66 8.90
CA SER A 502 -12.95 -15.87 9.53
C SER A 502 -14.00 -15.99 8.46
N LYS A 503 -14.93 -16.93 8.66
CA LYS A 503 -16.11 -17.08 7.82
C LYS A 503 -17.33 -16.92 8.68
N LEU A 504 -18.49 -16.63 8.10
CA LEU A 504 -19.77 -16.70 8.80
C LEU A 504 -20.04 -18.08 9.37
N ALA A 505 -20.64 -18.11 10.55
CA ALA A 505 -21.25 -19.30 11.10
C ALA A 505 -22.75 -19.29 10.74
N PHE A 516 -18.14 -17.41 1.85
CA PHE A 516 -17.43 -16.14 1.79
C PHE A 516 -16.69 -15.87 3.11
N SER A 517 -15.42 -15.51 2.99
CA SER A 517 -14.54 -15.38 4.14
C SER A 517 -13.79 -14.05 4.13
N VAL A 518 -12.99 -13.83 5.17
CA VAL A 518 -12.48 -12.52 5.49
C VAL A 518 -11.10 -12.65 6.15
N TYR A 519 -10.18 -11.76 5.87
CA TYR A 519 -8.88 -11.84 6.50
C TYR A 519 -9.01 -11.32 7.90
N ASP A 520 -8.25 -11.92 8.79
CA ASP A 520 -8.38 -11.62 10.19
C ASP A 520 -6.99 -11.75 10.81
N SER A 521 -6.85 -11.45 12.08
CA SER A 521 -5.64 -11.78 12.80
C SER A 521 -5.97 -12.10 14.28
N PRO A 522 -5.17 -12.95 14.92
CA PRO A 522 -5.57 -13.43 16.24
C PRO A 522 -5.27 -12.41 17.31
N TYR A 523 -6.17 -12.32 18.30
CA TYR A 523 -5.91 -11.64 19.56
C TYR A 523 -5.85 -12.73 20.64
N LEU A 524 -4.67 -12.93 21.22
CA LEU A 524 -4.45 -14.06 22.12
C LEU A 524 -4.99 -13.83 23.50
N VAL A 525 -6.25 -14.19 23.62
CA VAL A 525 -6.96 -14.37 24.87
C VAL A 525 -6.24 -15.38 25.82
N GLN B 34 27.48 12.54 -16.47
CA GLN B 34 26.33 13.13 -15.71
C GLN B 34 25.11 12.21 -15.78
N TYR B 35 24.34 12.17 -14.69
CA TYR B 35 23.10 11.39 -14.61
C TYR B 35 22.11 11.80 -15.68
N CYS B 36 21.63 10.84 -16.45
CA CYS B 36 20.45 11.05 -17.27
C CYS B 36 19.78 9.70 -17.52
N VAL B 37 18.49 9.75 -17.75
CA VAL B 37 17.66 8.54 -17.64
C VAL B 37 17.89 7.52 -18.75
N PRO B 38 17.99 7.96 -20.02
CA PRO B 38 18.31 7.01 -21.10
C PRO B 38 19.54 6.12 -20.87
N ASN B 39 20.62 6.66 -20.31
CA ASN B 39 21.87 5.91 -20.05
C ASN B 39 21.82 4.94 -18.87
N ILE B 40 20.66 4.78 -18.24
CA ILE B 40 20.46 3.74 -17.26
C ILE B 40 20.23 2.41 -18.00
N GLU B 41 19.23 2.38 -18.89
CA GLU B 41 18.78 1.17 -19.57
C GLU B 41 18.02 1.54 -20.84
N GLN B 42 18.27 0.78 -21.92
CA GLN B 42 17.55 0.96 -23.21
C GLN B 42 16.96 -0.33 -23.81
N ASP B 43 17.04 -1.45 -23.10
CA ASP B 43 16.34 -2.66 -23.53
C ASP B 43 14.83 -2.43 -23.28
N PRO B 44 13.99 -2.49 -24.34
CA PRO B 44 12.55 -2.23 -24.12
C PRO B 44 11.88 -3.26 -23.22
N GLN B 45 12.23 -4.53 -23.40
CA GLN B 45 11.71 -5.62 -22.56
C GLN B 45 12.07 -5.43 -21.08
N ILE B 46 13.29 -5.01 -20.78
CA ILE B 46 13.65 -4.68 -19.41
C ILE B 46 12.92 -3.42 -18.89
N LEU B 47 12.83 -2.37 -19.71
CA LEU B 47 12.08 -1.17 -19.30
C LEU B 47 10.61 -1.47 -19.04
N LEU B 48 10.02 -2.32 -19.89
CA LEU B 48 8.66 -2.78 -19.68
C LEU B 48 8.56 -3.50 -18.34
N GLU B 49 9.47 -4.42 -18.07
CA GLU B 49 9.45 -5.17 -16.79
C GLU B 49 9.65 -4.28 -15.60
N GLN B 50 10.44 -3.23 -15.73
CA GLN B 50 10.61 -2.26 -14.64
C GLN B 50 9.38 -1.36 -14.48
N SER B 51 8.69 -1.07 -15.58
CA SER B 51 7.40 -0.38 -15.51
C SER B 51 6.39 -1.11 -14.66
N LEU B 52 6.23 -2.41 -14.93
CA LEU B 52 5.27 -3.23 -14.18
C LEU B 52 5.63 -3.33 -12.71
N ASP B 53 6.93 -3.46 -12.45
CA ASP B 53 7.48 -3.44 -11.10
C ASP B 53 7.19 -2.15 -10.39
N ALA B 54 7.47 -1.03 -11.04
CA ALA B 54 7.25 0.29 -10.43
C ALA B 54 5.78 0.45 -10.11
N LYS B 55 4.93 0.15 -11.11
CA LYS B 55 3.49 0.22 -10.96
C LYS B 55 3.01 -0.69 -9.81
N ASP B 56 3.48 -1.92 -9.75
CA ASP B 56 3.09 -2.82 -8.66
C ASP B 56 3.58 -2.40 -7.28
N TRP B 57 4.72 -1.71 -7.21
CA TRP B 57 5.15 -1.08 -5.96
C TRP B 57 4.20 0.06 -5.54
N ALA B 58 3.75 0.88 -6.50
CA ALA B 58 2.76 1.93 -6.27
C ALA B 58 1.43 1.39 -5.73
N LEU B 59 0.92 0.34 -6.35
CA LEU B 59 -0.29 -0.37 -5.88
C LEU B 59 -0.14 -1.00 -4.49
N SER B 60 1.09 -1.27 -4.07
CA SER B 60 1.39 -1.82 -2.77
C SER B 60 1.68 -0.77 -1.69
N ASN B 61 1.70 0.51 -2.06
CA ASN B 61 2.17 1.56 -1.13
C ASN B 61 1.40 2.86 -1.21
N GLY B 62 0.12 2.77 -1.56
CA GLY B 62 -0.79 3.90 -1.45
C GLY B 62 -0.69 4.96 -2.52
N LEU B 63 0.06 4.71 -3.60
CA LEU B 63 0.18 5.65 -4.70
C LEU B 63 -0.98 5.38 -5.63
N VAL B 64 -2.17 5.71 -5.12
CA VAL B 64 -3.42 5.35 -5.75
C VAL B 64 -4.43 6.47 -5.55
N LYS B 65 -5.48 6.45 -6.37
CA LYS B 65 -6.66 7.29 -6.16
C LYS B 65 -7.93 6.49 -6.43
N PHE B 66 -9.05 6.98 -5.90
CA PHE B 66 -10.35 6.40 -6.22
C PHE B 66 -10.80 6.75 -7.65
N VAL B 67 -11.40 5.79 -8.33
CA VAL B 67 -11.93 5.98 -9.70
C VAL B 67 -13.33 5.34 -9.82
N ASP B 68 -14.12 5.75 -10.82
CA ASP B 68 -15.39 5.07 -11.28
C ASP B 68 -16.61 5.66 -10.58
N MET B 82 -16.90 2.01 -7.09
CA MET B 82 -15.63 2.75 -6.85
C MET B 82 -14.39 1.89 -6.51
N MET B 83 -13.34 1.96 -7.35
CA MET B 83 -12.13 1.15 -7.18
C MET B 83 -10.91 2.05 -7.02
N THR B 84 -9.73 1.46 -7.00
CA THR B 84 -8.52 2.25 -7.01
C THR B 84 -7.63 1.94 -8.20
N GLN B 85 -6.86 2.97 -8.58
CA GLN B 85 -5.94 2.94 -9.72
C GLN B 85 -4.67 3.67 -9.32
N PHE B 86 -3.52 3.24 -9.85
CA PHE B 86 -2.23 3.86 -9.47
C PHE B 86 -2.09 5.19 -10.17
N LEU B 87 -1.25 6.05 -9.59
CA LEU B 87 -1.06 7.41 -10.09
C LEU B 87 0.04 7.40 -11.15
N PRO B 88 -0.19 8.06 -12.29
CA PRO B 88 0.86 8.01 -13.31
C PRO B 88 2.18 8.62 -12.82
N LEU B 89 3.28 8.00 -13.22
CA LEU B 89 4.60 8.27 -12.65
C LEU B 89 5.67 8.18 -13.72
N SER B 90 6.78 8.87 -13.49
CA SER B 90 7.95 8.69 -14.32
C SER B 90 8.66 7.48 -13.75
N LEU B 91 9.29 6.70 -14.62
CA LEU B 91 9.94 5.47 -14.19
C LEU B 91 11.16 5.74 -13.31
N TYR B 92 11.90 6.77 -13.68
CA TYR B 92 13.13 7.13 -13.01
C TYR B 92 13.05 8.59 -12.65
N PRO B 93 13.83 9.01 -11.64
CA PRO B 93 13.80 10.40 -11.26
C PRO B 93 14.44 11.25 -12.34
N SER B 94 13.84 12.40 -12.62
CA SER B 94 14.33 13.29 -13.69
C SER B 94 15.48 14.09 -13.13
N PRO B 95 16.50 14.38 -13.96
CA PRO B 95 17.62 15.19 -13.45
C PRO B 95 17.21 16.65 -13.22
N PHE B 96 17.82 17.27 -12.22
CA PHE B 96 17.51 18.64 -11.83
C PHE B 96 18.79 19.25 -11.20
N PRO B 97 19.10 20.51 -11.57
CA PRO B 97 20.30 21.16 -11.01
C PRO B 97 20.32 21.26 -9.50
N ARG B 98 21.41 20.85 -8.85
CA ARG B 98 21.51 20.95 -7.39
C ARG B 98 21.36 22.37 -6.86
N LYS B 99 21.93 23.35 -7.54
CA LYS B 99 21.93 24.71 -7.01
C LYS B 99 20.53 25.28 -6.93
N LEU B 100 19.74 25.05 -7.98
CA LEU B 100 18.37 25.58 -8.07
C LEU B 100 17.41 24.94 -7.08
N PHE B 101 17.55 23.64 -6.86
CA PHE B 101 16.79 22.95 -5.84
C PHE B 101 17.10 23.53 -4.48
N GLN B 102 18.36 23.73 -4.19
CA GLN B 102 18.73 24.34 -2.92
C GLN B 102 18.20 25.78 -2.86
N GLN B 103 18.25 26.51 -3.96
CA GLN B 103 17.69 27.85 -4.03
C GLN B 103 16.18 27.84 -3.73
N ALA B 104 15.45 26.86 -4.25
CA ALA B 104 14.01 26.75 -3.98
C ALA B 104 13.68 26.34 -2.53
N VAL B 105 14.41 25.35 -2.03
CA VAL B 105 14.28 24.93 -0.64
C VAL B 105 14.58 26.06 0.31
N ASP B 106 15.65 26.82 0.06
CA ASP B 106 16.09 27.88 0.97
C ASP B 106 15.14 29.08 1.07
N VAL B 107 14.40 29.37 -0.01
CA VAL B 107 13.54 30.54 -0.07
C VAL B 107 12.16 30.29 0.54
N GLN B 108 11.85 29.03 0.86
CA GLN B 108 10.53 28.65 1.35
C GLN B 108 10.17 29.34 2.64
N LYS B 109 11.09 29.42 3.58
CA LYS B 109 10.85 30.15 4.84
C LYS B 109 10.43 31.62 4.54
N ALA B 110 11.18 32.30 3.69
CA ALA B 110 10.85 33.66 3.24
C ALA B 110 9.49 33.75 2.55
N MET B 111 9.20 32.75 1.74
CA MET B 111 7.97 32.72 0.95
C MET B 111 6.73 32.58 1.85
N LEU B 112 6.80 31.72 2.86
CA LEU B 112 5.73 31.62 3.87
C LEU B 112 5.57 32.94 4.62
N LEU B 113 6.68 33.50 5.08
CA LEU B 113 6.62 34.75 5.83
C LEU B 113 5.98 35.90 5.05
N LEU B 114 6.24 36.02 3.75
CA LEU B 114 5.63 37.08 2.94
C LEU B 114 4.10 36.96 2.81
N TYR B 115 3.63 35.77 2.47
CA TYR B 115 2.20 35.56 2.29
C TYR B 115 1.45 35.55 3.65
N PHE B 116 2.11 35.09 4.71
CA PHE B 116 1.52 35.15 6.03
C PHE B 116 1.27 36.59 6.47
N ARG B 117 2.27 37.43 6.32
CA ARG B 117 2.22 38.84 6.72
C ARG B 117 1.30 39.69 5.85
N ALA B 118 1.28 39.40 4.56
CA ALA B 118 0.27 39.98 3.67
C ALA B 118 -1.14 39.59 4.06
N SER B 119 -1.32 38.35 4.51
CA SER B 119 -2.62 37.85 4.97
C SER B 119 -3.09 38.45 6.29
N CYS B 120 -2.15 38.90 7.13
CA CYS B 120 -2.44 39.67 8.36
C CYS B 120 -2.81 41.16 8.11
N ASP B 121 -2.82 41.61 6.86
CA ASP B 121 -3.03 43.03 6.51
C ASP B 121 -4.15 43.12 5.48
N TYR B 122 -5.39 42.97 5.96
CA TYR B 122 -6.58 42.97 5.11
C TYR B 122 -6.74 44.23 4.24
N GLU B 123 -6.45 45.38 4.83
CA GLU B 123 -6.38 46.64 4.08
C GLU B 123 -5.47 46.55 2.83
N PHE B 124 -4.30 45.94 3.00
CA PHE B 124 -3.35 45.80 1.89
C PHE B 124 -3.93 44.93 0.79
N LEU B 125 -4.48 43.78 1.17
CA LEU B 125 -5.07 42.85 0.21
C LEU B 125 -6.19 43.51 -0.57
N LYS B 126 -7.11 44.17 0.14
CA LYS B 126 -8.21 44.94 -0.50
C LYS B 126 -7.65 45.97 -1.48
N GLU B 127 -6.62 46.70 -1.07
CA GLU B 127 -6.00 47.73 -1.94
C GLU B 127 -5.44 47.13 -3.23
N ALA B 128 -4.94 45.90 -3.15
CA ALA B 128 -4.39 45.19 -4.33
C ALA B 128 -5.43 44.63 -5.34
N HIS B 129 -6.73 44.78 -5.06
CA HIS B 129 -7.83 44.37 -5.97
C HIS B 129 -8.91 45.45 -6.25
N LYS B 142 -14.91 39.70 -5.14
CA LYS B 142 -15.96 40.56 -4.57
C LYS B 142 -16.93 39.83 -3.65
N LYS B 143 -17.26 38.58 -3.98
CA LYS B 143 -18.02 37.69 -3.06
C LYS B 143 -17.22 37.30 -1.79
N LEU B 144 -15.91 37.11 -1.93
CA LEU B 144 -15.02 36.80 -0.79
C LEU B 144 -14.82 38.01 0.14
N VAL B 145 -14.62 39.19 -0.44
CA VAL B 145 -14.49 40.41 0.34
C VAL B 145 -15.78 40.68 1.15
N LYS B 146 -16.93 40.62 0.48
CA LYS B 146 -18.24 40.76 1.13
C LYS B 146 -18.34 39.91 2.41
N ARG B 147 -17.91 38.65 2.32
CA ARG B 147 -17.90 37.73 3.47
C ARG B 147 -16.96 38.19 4.60
N LEU B 148 -15.67 38.31 4.29
CA LEU B 148 -14.64 38.70 5.28
C LEU B 148 -14.97 39.96 6.10
N GLY B 155 -14.73 40.62 16.35
CA GLY B 155 -13.37 40.51 15.82
C GLY B 155 -13.01 39.10 15.36
N ILE B 156 -11.72 38.77 15.39
CA ILE B 156 -11.24 37.42 15.02
C ILE B 156 -11.39 36.50 16.24
N ARG B 157 -12.04 35.36 16.05
CA ARG B 157 -12.31 34.44 17.16
C ARG B 157 -11.20 33.44 17.42
N GLN B 158 -10.47 33.05 16.37
CA GLN B 158 -9.25 32.25 16.52
C GLN B 158 -8.09 32.96 15.84
N PRO B 159 -7.22 33.65 16.60
CA PRO B 159 -6.03 34.32 16.02
C PRO B 159 -5.00 33.35 15.42
N VAL B 160 -4.91 32.13 15.95
CA VAL B 160 -3.94 31.14 15.51
C VAL B 160 -4.41 30.46 14.23
N ALA B 161 -3.60 30.62 13.18
CA ALA B 161 -3.83 30.03 11.89
C ALA B 161 -2.71 29.04 11.65
N MET B 162 -3.06 27.97 10.95
CA MET B 162 -2.11 27.00 10.42
C MET B 162 -2.02 27.27 8.94
N PHE B 163 -0.81 27.38 8.43
CA PHE B 163 -0.62 27.88 7.07
C PHE B 163 0.41 27.03 6.36
N CYS B 164 -0.06 26.21 5.41
CA CYS B 164 0.77 25.30 4.63
C CYS B 164 0.73 25.76 3.18
N GLN B 165 1.91 25.77 2.55
CA GLN B 165 2.06 26.32 1.20
C GLN B 165 2.86 25.36 0.35
N ARG B 166 2.54 25.32 -0.95
CA ARG B 166 3.37 24.68 -1.95
C ARG B 166 3.70 25.74 -2.99
N ALA B 167 4.98 26.09 -3.09
CA ALA B 167 5.50 26.96 -4.15
C ALA B 167 6.02 26.09 -5.28
N ASP B 168 5.60 26.37 -6.52
CA ASP B 168 6.04 25.63 -7.69
C ASP B 168 7.10 26.40 -8.52
N TYR B 169 8.10 25.69 -9.02
CA TYR B 169 9.20 26.27 -9.77
C TYR B 169 9.51 25.52 -11.07
N MET B 170 10.04 26.26 -12.03
CA MET B 170 10.56 25.76 -13.30
C MET B 170 12.00 26.19 -13.35
N ALA B 171 12.91 25.30 -13.71
CA ALA B 171 14.27 25.70 -14.11
C ALA B 171 14.12 26.29 -15.51
N SER B 172 14.54 27.53 -15.71
CA SER B 172 14.28 28.25 -16.95
C SER B 172 15.57 28.62 -17.65
N GLN B 173 15.61 28.42 -18.96
CA GLN B 173 16.81 28.63 -19.76
C GLN B 173 16.96 30.10 -20.15
N GLU B 174 17.84 30.83 -19.45
CA GLU B 174 18.22 32.19 -19.86
C GLU B 174 19.08 32.13 -21.13
N ASP B 175 19.29 33.29 -21.75
CA ASP B 175 20.24 33.40 -22.87
C ASP B 175 21.65 33.32 -22.23
N ASP B 176 22.56 32.68 -22.94
CA ASP B 176 23.83 32.07 -22.41
C ASP B 176 23.67 30.55 -22.36
N GLY B 177 22.48 30.08 -21.95
CA GLY B 177 22.13 28.67 -21.95
C GLY B 177 22.07 28.02 -20.59
N GLN B 178 22.33 28.79 -19.52
CA GLN B 178 22.34 28.27 -18.15
C GLN B 178 20.93 28.45 -17.53
N TYR B 179 20.53 27.51 -16.67
CA TYR B 179 19.19 27.50 -16.07
C TYR B 179 19.12 28.35 -14.80
N VAL B 180 18.04 29.12 -14.67
CA VAL B 180 17.73 29.86 -13.43
C VAL B 180 16.35 29.49 -12.85
N LEU B 181 16.26 29.55 -11.53
CA LEU B 181 15.04 29.16 -10.83
C LEU B 181 13.99 30.27 -11.00
N LYS B 182 12.79 29.90 -11.44
CA LYS B 182 11.68 30.85 -11.59
C LYS B 182 10.34 30.27 -11.12
N GLN B 183 9.65 31.01 -10.26
CA GLN B 183 8.47 30.50 -9.59
C GLN B 183 7.22 30.53 -10.49
N VAL B 184 6.55 29.40 -10.62
CA VAL B 184 5.41 29.27 -11.50
C VAL B 184 4.13 29.67 -10.78
N GLU B 185 4.00 29.32 -9.50
CA GLU B 185 2.74 29.43 -8.77
C GLU B 185 2.98 29.28 -7.25
N VAL B 186 2.07 29.83 -6.46
CA VAL B 186 1.92 29.46 -5.04
C VAL B 186 0.50 28.98 -4.76
N ASN B 187 0.41 27.95 -3.93
CA ASN B 187 -0.85 27.30 -3.58
C ASN B 187 -0.94 27.16 -2.08
N THR B 188 -2.16 27.26 -1.58
CA THR B 188 -2.48 26.97 -0.18
C THR B 188 -3.88 26.36 -0.12
N GLY B 189 -4.30 25.92 1.06
CA GLY B 189 -5.61 25.32 1.23
C GLY B 189 -5.60 23.86 0.84
N ALA B 190 -6.47 23.46 -0.08
CA ALA B 190 -6.67 22.04 -0.38
C ALA B 190 -5.56 21.56 -1.28
N ILE B 191 -4.40 21.37 -0.65
CA ILE B 191 -3.16 21.11 -1.36
C ILE B 191 -3.05 19.65 -1.71
N GLY B 192 -2.70 19.37 -2.96
CA GLY B 192 -2.35 18.02 -3.39
C GLY B 192 -0.97 17.57 -2.97
N SER B 193 -0.82 16.25 -2.86
CA SER B 193 0.46 15.55 -2.72
C SER B 193 1.19 15.59 -1.39
N PHE B 194 0.50 15.84 -0.28
CA PHE B 194 1.09 15.59 1.04
C PHE B 194 1.49 14.11 1.26
N GLY B 195 0.57 13.20 0.93
CA GLY B 195 0.77 11.77 1.15
C GLY B 195 1.51 11.07 0.02
N THR B 196 1.26 11.50 -1.21
CA THR B 196 1.90 10.89 -2.39
C THR B 196 3.41 11.17 -2.47
N THR B 197 3.85 12.32 -1.98
CA THR B 197 5.23 12.76 -2.15
C THR B 197 6.29 11.89 -1.52
N PRO B 198 6.19 11.60 -0.22
CA PRO B 198 7.22 10.71 0.38
C PRO B 198 7.27 9.30 -0.22
N ARG B 199 6.15 8.84 -0.77
CA ARG B 199 6.07 7.54 -1.40
C ARG B 199 6.71 7.48 -2.79
N PHE B 200 6.52 8.50 -3.60
CA PHE B 200 7.22 8.57 -4.90
C PHE B 200 8.71 8.69 -4.68
N SER B 201 9.08 9.49 -3.68
CA SER B 201 10.46 9.66 -3.27
C SER B 201 11.07 8.29 -2.98
N ARG B 202 10.39 7.47 -2.18
CA ARG B 202 10.83 6.08 -1.91
C ARG B 202 10.81 5.19 -3.14
N LEU B 203 9.81 5.35 -4.00
CA LEU B 203 9.70 4.56 -5.23
C LEU B 203 10.94 4.72 -6.08
N HIS B 204 11.31 5.97 -6.31
CA HIS B 204 12.42 6.31 -7.17
C HIS B 204 13.77 6.02 -6.58
N ARG B 205 13.92 6.13 -5.26
CA ARG B 205 15.18 5.73 -4.63
C ARG B 205 15.41 4.23 -4.83
N ARG B 206 14.32 3.48 -4.83
CA ARG B 206 14.34 2.05 -5.01
C ARG B 206 14.70 1.67 -6.45
N MET B 207 14.07 2.31 -7.45
CA MET B 207 14.37 2.03 -8.87
C MET B 207 15.83 2.32 -9.20
N VAL B 208 16.30 3.49 -8.79
CA VAL B 208 17.68 3.93 -8.98
C VAL B 208 18.65 2.96 -8.32
N SER B 209 18.49 2.77 -7.02
CA SER B 209 19.24 1.77 -6.24
C SER B 209 19.23 0.35 -6.83
N ASN B 210 18.09 -0.10 -7.31
CA ASN B 210 17.98 -1.45 -7.91
C ASN B 210 18.72 -1.58 -9.23
N ALA B 211 18.95 -0.47 -9.92
CA ALA B 211 19.72 -0.42 -11.17
C ALA B 211 21.21 -0.10 -10.97
N GLY B 212 21.68 -0.03 -9.72
CA GLY B 212 23.11 0.14 -9.43
C GLY B 212 23.57 1.57 -9.20
N ILE B 213 22.77 2.55 -9.64
CA ILE B 213 23.16 3.95 -9.57
C ILE B 213 23.02 4.43 -8.13
N ASP B 214 23.81 5.45 -7.79
CA ASP B 214 23.71 6.15 -6.49
C ASP B 214 22.31 6.79 -6.29
N SER B 218 21.27 12.44 -0.73
CA SER B 218 22.25 13.48 -1.12
C SER B 218 22.19 13.91 -2.62
N VAL B 219 21.76 12.97 -3.46
CA VAL B 219 21.34 13.25 -4.81
C VAL B 219 19.84 12.96 -5.02
N MET B 220 19.24 12.19 -4.12
CA MET B 220 17.81 12.02 -4.04
C MET B 220 17.44 12.29 -2.58
N PRO B 221 17.15 13.56 -2.25
CA PRO B 221 16.97 13.93 -0.85
C PRO B 221 15.67 13.40 -0.27
N SER B 222 15.76 12.94 0.98
CA SER B 222 14.60 12.43 1.72
C SER B 222 13.48 13.46 1.83
N ASP B 223 12.27 12.98 1.61
CA ASP B 223 11.10 13.76 1.84
C ASP B 223 10.18 13.03 2.82
N GLN B 224 9.82 13.68 3.92
CA GLN B 224 8.80 13.19 4.84
C GLN B 224 7.71 14.27 4.95
N THR B 225 6.99 14.48 3.85
CA THR B 225 5.97 15.52 3.77
C THR B 225 4.65 15.10 4.44
N ASP B 226 4.34 13.81 4.42
CA ASP B 226 3.21 13.29 5.23
C ASP B 226 3.45 13.58 6.72
N THR B 227 4.66 13.32 7.19
CA THR B 227 5.08 13.66 8.54
C THR B 227 5.00 15.17 8.81
N MET B 228 5.48 15.98 7.87
CA MET B 228 5.49 17.43 8.01
C MET B 228 4.10 17.96 8.34
N ALA B 229 3.11 17.52 7.54
CA ALA B 229 1.71 17.88 7.72
C ALA B 229 1.20 17.43 9.08
N ALA B 230 1.47 16.17 9.42
CA ALA B 230 1.13 15.62 10.73
C ALA B 230 1.72 16.44 11.87
N GLU B 231 3.02 16.75 11.81
CA GLU B 231 3.69 17.51 12.88
C GLU B 231 3.10 18.89 13.06
N THR B 232 2.57 19.48 11.99
CA THR B 232 1.98 20.82 12.05
C THR B 232 0.54 20.79 12.59
N LEU B 233 -0.24 19.77 12.21
CA LEU B 233 -1.56 19.51 12.81
C LEU B 233 -1.48 19.20 14.32
N TYR B 234 -0.53 18.38 14.72
CA TYR B 234 -0.26 18.10 16.13
C TYR B 234 0.06 19.37 16.91
N GLN B 235 0.92 20.22 16.37
CA GLN B 235 1.22 21.51 17.01
C GLN B 235 0.01 22.42 17.06
N ALA B 236 -0.84 22.40 16.03
CA ALA B 236 -2.10 23.17 16.06
C ALA B 236 -3.06 22.66 17.16
N TRP B 237 -3.21 21.34 17.24
CA TRP B 237 -4.00 20.71 18.28
C TRP B 237 -3.50 21.13 19.65
N LEU B 238 -2.19 21.07 19.87
CA LEU B 238 -1.61 21.56 21.13
C LEU B 238 -1.88 23.03 21.42
N GLU B 239 -1.79 23.91 20.42
CA GLU B 239 -2.10 25.34 20.64
C GLU B 239 -3.55 25.58 21.03
N PHE B 240 -4.46 24.72 20.59
CA PHE B 240 -5.87 24.81 21.00
C PHE B 240 -6.06 24.39 22.47
N GLY B 241 -5.31 23.38 22.91
CA GLY B 241 -5.09 23.13 24.33
C GLY B 241 -6.24 22.47 25.06
N ASN B 242 -6.92 21.56 24.37
CA ASN B 242 -8.06 20.84 24.89
C ASN B 242 -7.80 19.37 24.60
N ALA B 243 -7.51 18.59 25.66
CA ALA B 243 -7.17 17.18 25.52
C ALA B 243 -8.27 16.34 24.90
N GLU B 244 -9.53 16.74 25.08
CA GLU B 244 -10.67 16.00 24.54
C GLU B 244 -11.13 16.45 23.14
N ALA B 245 -10.53 17.53 22.61
CA ALA B 245 -10.85 18.03 21.26
C ALA B 245 -10.30 17.19 20.11
N VAL B 246 -11.05 17.20 19.00
CA VAL B 246 -10.80 16.40 17.81
C VAL B 246 -10.32 17.25 16.67
N ILE B 247 -9.69 16.61 15.70
CA ILE B 247 -9.30 17.26 14.47
C ILE B 247 -10.28 16.85 13.36
N LEU B 248 -10.85 17.84 12.67
CA LEU B 248 -11.85 17.57 11.64
C LEU B 248 -11.20 17.58 10.27
N PHE B 249 -11.42 16.50 9.53
CA PHE B 249 -11.02 16.40 8.12
C PHE B 249 -12.29 16.59 7.33
N LEU B 250 -12.37 17.73 6.64
CA LEU B 250 -13.53 18.10 5.85
C LEU B 250 -13.27 17.82 4.38
N HIS B 251 -14.02 16.90 3.78
CA HIS B 251 -13.85 16.48 2.39
C HIS B 251 -15.09 16.82 1.58
N GLY B 252 -14.94 16.83 0.26
CA GLY B 252 -16.04 17.06 -0.67
C GLY B 252 -16.94 15.84 -0.80
N SER B 253 -16.35 14.65 -0.67
CA SER B 253 -17.11 13.40 -0.71
C SER B 253 -16.28 12.26 -0.07
N PRO B 254 -16.91 11.10 0.18
CA PRO B 254 -16.16 9.95 0.73
C PRO B 254 -15.01 9.47 -0.19
N ASN B 255 -15.23 9.54 -1.50
CA ASN B 255 -14.23 9.12 -2.48
C ASN B 255 -13.53 10.31 -3.14
N SER B 256 -13.38 11.40 -2.40
CA SER B 256 -12.65 12.58 -2.88
C SER B 256 -11.23 12.23 -3.28
N HIS B 257 -10.68 13.02 -4.19
CA HIS B 257 -9.32 12.80 -4.69
C HIS B 257 -8.26 13.12 -3.62
N LEU B 258 -8.65 13.78 -2.54
CA LEU B 258 -7.73 14.06 -1.45
C LEU B 258 -7.81 13.05 -0.34
N MET B 259 -8.79 12.16 -0.39
CA MET B 259 -9.16 11.32 0.76
C MET B 259 -8.02 10.46 1.29
N LEU B 260 -7.36 9.72 0.40
CA LEU B 260 -6.25 8.86 0.80
C LEU B 260 -5.01 9.60 1.21
N GLU B 261 -4.75 10.78 0.66
CA GLU B 261 -3.66 11.60 1.14
C GLU B 261 -3.99 12.05 2.55
N SER B 262 -5.25 12.43 2.78
CA SER B 262 -5.73 12.81 4.13
C SER B 262 -5.56 11.69 5.16
N ARG B 263 -5.90 10.46 4.77
CA ARG B 263 -5.79 9.31 5.65
C ARG B 263 -4.35 8.99 5.98
N GLN B 264 -3.49 9.19 4.98
CA GLN B 264 -2.06 8.94 5.14
C GLN B 264 -1.39 9.95 6.06
N ILE B 265 -1.94 11.16 6.13
CA ILE B 265 -1.47 12.14 7.11
C ILE B 265 -1.73 11.60 8.51
N THR B 266 -2.93 11.05 8.72
CA THR B 266 -3.31 10.51 10.04
C THR B 266 -2.50 9.29 10.44
N HIS B 267 -2.03 8.53 9.45
CA HIS B 267 -1.18 7.38 9.77
C HIS B 267 0.13 7.88 10.35
N GLN B 268 0.61 9.03 9.89
CA GLN B 268 1.78 9.65 10.49
C GLN B 268 1.52 10.31 11.84
N LEU B 269 0.36 10.94 11.98
CA LEU B 269 -0.04 11.59 13.24
C LEU B 269 -0.08 10.62 14.42
N GLU B 270 -0.60 9.42 14.18
CA GLU B 270 -0.60 8.32 15.17
C GLU B 270 0.77 7.95 15.73
N SER B 271 1.74 7.81 14.86
CA SER B 271 3.08 7.39 15.27
C SER B 271 4.00 8.52 15.77
N ILE B 272 3.54 9.77 15.80
CA ILE B 272 4.30 10.86 16.43
C ILE B 272 3.60 11.37 17.69
N SER B 273 2.78 10.54 18.32
CA SER B 273 2.14 10.90 19.58
C SER B 273 1.83 9.69 20.46
N THR B 274 1.78 9.96 21.77
CA THR B 274 1.14 9.14 22.80
C THR B 274 -0.40 9.28 22.78
N GLU B 275 -0.84 10.51 22.50
CA GLU B 275 -2.15 10.98 22.91
C GLU B 275 -3.42 10.41 22.28
N ARG B 276 -3.33 9.59 21.23
CA ARG B 276 -4.47 9.01 20.55
C ARG B 276 -5.45 10.14 20.20
N ILE B 277 -5.01 11.03 19.32
CA ILE B 277 -5.85 12.17 18.89
C ILE B 277 -6.89 11.67 17.89
N LYS B 278 -8.16 11.94 18.17
CA LYS B 278 -9.23 11.50 17.29
C LYS B 278 -9.27 12.46 16.12
N CYS B 279 -9.28 11.89 14.92
CA CYS B 279 -9.44 12.61 13.69
C CYS B 279 -10.77 12.16 13.13
N ARG B 280 -11.65 13.09 12.80
CA ARG B 280 -12.99 12.71 12.41
C ARG B 280 -13.20 13.12 10.96
N PHE B 281 -13.52 12.15 10.12
CA PHE B 281 -13.68 12.38 8.67
C PHE B 281 -15.13 12.58 8.35
N ILE B 282 -15.46 13.78 7.89
CA ILE B 282 -16.82 14.20 7.61
C ILE B 282 -16.86 14.83 6.22
N THR B 283 -17.90 14.58 5.43
CA THR B 283 -18.11 15.36 4.21
C THR B 283 -18.76 16.65 4.58
N ILE B 284 -18.69 17.60 3.66
CA ILE B 284 -19.30 18.90 3.85
C ILE B 284 -20.84 18.84 3.80
N THR B 285 -21.42 17.88 3.06
CA THR B 285 -22.88 17.65 3.10
C THR B 285 -23.37 17.22 4.48
N GLU B 286 -22.67 16.24 5.08
CA GLU B 286 -23.08 15.75 6.38
C GLU B 286 -22.78 16.77 7.48
N GLY B 287 -21.76 17.60 7.29
CA GLY B 287 -21.49 18.73 8.17
C GLY B 287 -22.60 19.74 8.41
N LEU B 288 -23.61 19.80 7.53
CA LEU B 288 -24.76 20.69 7.73
C LEU B 288 -25.64 20.25 8.92
N ASN B 289 -25.66 18.95 9.18
CA ASN B 289 -26.43 18.35 10.28
C ASN B 289 -25.59 18.11 11.52
N ARG B 290 -24.28 17.91 11.35
CA ARG B 290 -23.43 17.41 12.41
C ARG B 290 -22.49 18.44 12.98
N LEU B 291 -22.42 19.62 12.38
CA LEU B 291 -21.58 20.73 12.91
C LEU B 291 -22.49 21.90 13.22
N LYS B 292 -22.43 22.37 14.46
CA LYS B 292 -23.00 23.66 14.83
C LYS B 292 -21.93 24.42 15.60
N ARG B 293 -22.20 25.70 15.77
CA ARG B 293 -21.28 26.57 16.50
C ARG B 293 -21.97 26.83 17.83
N ASP B 294 -21.20 26.85 18.91
CA ASP B 294 -21.75 27.23 20.20
C ASP B 294 -22.12 28.72 20.19
N PRO B 295 -23.32 29.08 20.68
CA PRO B 295 -23.65 30.51 20.73
C PRO B 295 -22.93 31.34 21.81
N ASN B 296 -22.25 30.69 22.75
CA ASN B 296 -21.60 31.35 23.89
C ASN B 296 -20.08 31.33 23.76
N ASN B 297 -19.51 30.15 23.55
CA ASN B 297 -18.09 29.96 23.24
C ASN B 297 -17.68 30.44 21.86
N PHE B 298 -18.59 30.32 20.90
CA PHE B 298 -18.29 30.32 19.46
C PHE B 298 -17.36 29.19 19.06
N SER B 299 -17.37 28.09 19.82
CA SER B 299 -16.54 26.96 19.48
C SER B 299 -17.35 26.05 18.56
N LEU B 300 -16.63 25.35 17.67
CA LEU B 300 -17.27 24.48 16.68
C LEU B 300 -17.40 23.12 17.33
N ILE B 301 -18.62 22.57 17.29
CA ILE B 301 -18.95 21.31 17.94
C ILE B 301 -19.45 20.27 16.91
N LEU B 302 -19.03 19.02 17.08
CA LEU B 302 -19.39 17.91 16.20
C LEU B 302 -20.27 16.96 16.98
N ASP B 303 -21.43 16.59 16.40
CA ASP B 303 -22.44 15.73 17.04
C ASP B 303 -22.82 16.17 18.47
N ASP B 304 -22.93 17.47 18.67
CA ASP B 304 -23.25 18.04 19.98
C ASP B 304 -22.34 17.62 21.16
N LYS B 305 -21.27 16.87 20.90
CA LYS B 305 -20.44 16.28 21.95
C LYS B 305 -18.93 16.62 21.87
N PHE B 306 -18.37 16.77 20.67
CA PHE B 306 -16.94 16.90 20.49
C PHE B 306 -16.54 18.29 20.06
N VAL B 307 -15.63 18.90 20.83
CA VAL B 307 -15.07 20.17 20.45
C VAL B 307 -14.04 19.89 19.35
N VAL B 308 -13.98 20.77 18.36
CA VAL B 308 -13.09 20.61 17.22
C VAL B 308 -12.01 21.66 17.39
N ALA B 309 -10.77 21.18 17.54
CA ALA B 309 -9.60 22.05 17.71
C ALA B 309 -9.09 22.62 16.38
N VAL B 310 -9.07 21.77 15.35
CA VAL B 310 -8.54 22.10 14.04
C VAL B 310 -9.52 21.66 12.97
N VAL B 311 -9.84 22.53 12.03
CA VAL B 311 -10.58 22.11 10.85
C VAL B 311 -9.62 22.02 9.67
N PHE B 312 -9.27 20.80 9.31
CA PHE B 312 -8.41 20.56 8.19
C PHE B 312 -9.29 20.52 6.92
N ASP B 313 -9.29 21.62 6.18
CA ASP B 313 -10.04 21.77 4.91
C ASP B 313 -9.38 20.96 3.77
N ARG B 314 -10.12 20.00 3.23
CA ARG B 314 -9.68 19.21 2.08
C ARG B 314 -10.76 19.32 1.01
N LEU B 315 -11.16 20.56 0.75
CA LEU B 315 -12.20 20.92 -0.21
C LEU B 315 -13.59 20.39 0.21
N MET B 324 -20.92 26.19 2.03
CA MET B 324 -20.27 27.51 1.86
C MET B 324 -20.65 28.51 2.96
N ASP B 325 -21.95 28.61 3.28
CA ASP B 325 -22.40 29.30 4.51
C ASP B 325 -21.79 28.63 5.74
N LEU B 326 -21.85 27.30 5.74
CA LEU B 326 -21.17 26.47 6.73
C LEU B 326 -19.69 26.79 6.82
N ASN B 327 -19.02 26.86 5.67
CA ASN B 327 -17.58 27.22 5.61
C ASN B 327 -17.20 28.49 6.38
N PHE B 328 -18.06 29.52 6.32
CA PHE B 328 -17.77 30.77 7.03
C PHE B 328 -18.30 30.77 8.46
N VAL B 329 -19.34 29.97 8.74
CA VAL B 329 -19.70 29.60 10.11
C VAL B 329 -18.53 28.87 10.81
N ILE B 330 -17.87 27.96 10.10
CA ILE B 330 -16.62 27.35 10.59
C ILE B 330 -15.50 28.40 10.73
N ASP B 331 -15.37 29.27 9.73
CA ASP B 331 -14.29 30.27 9.70
C ASP B 331 -14.39 31.28 10.85
N HIS B 332 -15.62 31.64 11.24
CA HIS B 332 -15.87 32.54 12.37
C HIS B 332 -16.22 31.70 13.62
N SER B 333 -15.24 30.97 14.10
CA SER B 333 -15.39 30.09 15.26
C SER B 333 -14.01 29.89 15.85
N THR B 334 -13.92 29.28 17.01
CA THR B 334 -12.62 29.17 17.68
C THR B 334 -11.70 28.07 17.13
N ALA B 335 -12.17 27.23 16.21
CA ALA B 335 -11.33 26.18 15.65
C ALA B 335 -10.20 26.80 14.84
N ILE B 336 -9.03 26.16 14.86
CA ILE B 336 -7.94 26.60 14.03
C ILE B 336 -8.26 26.17 12.59
N LYS B 337 -8.16 27.09 11.66
CA LYS B 337 -8.39 26.82 10.22
C LYS B 337 -7.05 26.65 9.51
N THR B 338 -7.10 26.04 8.32
CA THR B 338 -5.91 25.49 7.64
C THR B 338 -5.88 25.77 6.12
N PRO B 339 -5.79 27.02 5.68
CA PRO B 339 -5.74 28.19 6.53
C PRO B 339 -7.09 28.89 6.49
N PRO B 340 -7.25 29.97 7.26
CA PRO B 340 -8.51 30.68 7.16
C PRO B 340 -8.72 31.30 5.77
N TYR B 341 -9.96 31.68 5.48
CA TYR B 341 -10.34 32.16 4.15
C TYR B 341 -9.56 33.37 3.64
N ILE B 342 -9.14 34.27 4.54
CA ILE B 342 -8.32 35.44 4.15
C ILE B 342 -7.12 35.08 3.26
N PHE B 343 -6.58 33.88 3.45
CA PHE B 343 -5.42 33.42 2.68
C PHE B 343 -5.74 33.17 1.22
N ALA B 344 -7.00 32.82 0.93
CA ALA B 344 -7.46 32.70 -0.45
C ALA B 344 -7.34 34.01 -1.22
N LEU B 345 -7.58 35.13 -0.55
CA LEU B 345 -7.39 36.46 -1.13
C LEU B 345 -5.89 36.79 -1.37
N SER B 346 -5.01 36.37 -0.46
CA SER B 346 -3.58 36.61 -0.62
C SER B 346 -2.88 35.64 -1.59
N HIS B 347 -3.60 34.67 -2.15
CA HIS B 347 -3.00 33.73 -3.11
C HIS B 347 -3.64 33.78 -4.48
N THR B 348 -4.41 34.82 -4.76
CA THR B 348 -4.82 35.05 -6.13
C THR B 348 -3.57 35.28 -6.97
N LYS B 349 -3.73 35.06 -8.26
CA LYS B 349 -2.66 35.28 -9.21
C LYS B 349 -2.43 36.78 -9.40
N ARG B 350 -3.47 37.57 -9.18
CA ARG B 350 -3.38 39.02 -9.12
C ARG B 350 -2.34 39.46 -8.10
N MET B 351 -2.39 38.87 -6.93
CA MET B 351 -1.52 39.21 -5.82
C MET B 351 -0.10 38.81 -6.08
N GLN B 352 0.06 37.65 -6.70
CA GLN B 352 1.38 37.16 -7.06
C GLN B 352 2.01 38.11 -8.07
N GLN B 353 1.20 38.58 -9.01
CA GLN B 353 1.61 39.58 -9.98
C GLN B 353 1.88 40.92 -9.31
N VAL B 354 1.07 41.29 -8.33
CA VAL B 354 1.31 42.52 -7.56
C VAL B 354 2.62 42.49 -6.79
N PHE B 355 3.04 41.32 -6.28
CA PHE B 355 4.32 41.22 -5.57
C PHE B 355 5.56 41.41 -6.46
N THR B 356 5.41 41.34 -7.79
CA THR B 356 6.50 41.60 -8.72
C THR B 356 6.78 43.07 -9.00
N LYS B 357 5.87 43.94 -8.58
CA LYS B 357 6.07 45.39 -8.65
C LYS B 357 7.07 45.84 -7.58
N PRO B 358 7.86 46.90 -7.87
CA PRO B 358 8.89 47.41 -6.92
C PRO B 358 8.33 47.80 -5.53
N GLY B 359 9.08 47.49 -4.48
CA GLY B 359 8.69 47.80 -3.09
C GLY B 359 7.72 46.84 -2.40
N MET B 360 6.90 46.13 -3.16
CA MET B 360 5.78 45.37 -2.60
C MET B 360 6.21 44.19 -1.72
N VAL B 361 7.36 43.59 -2.02
CA VAL B 361 7.94 42.55 -1.14
C VAL B 361 8.65 43.20 0.04
N GLU B 362 9.44 44.22 -0.25
CA GLU B 362 10.28 44.90 0.75
C GLU B 362 9.46 45.38 1.95
N LYS B 363 8.21 45.76 1.67
CA LYS B 363 7.22 46.22 2.66
C LYS B 363 7.06 45.29 3.87
N PHE B 364 7.15 43.97 3.66
CA PHE B 364 6.95 42.98 4.73
C PHE B 364 8.24 42.44 5.37
N PHE B 365 9.38 43.11 5.15
CA PHE B 365 10.71 42.64 5.57
C PHE B 365 11.70 43.75 6.04
N HIS B 372 19.32 38.59 2.73
CA HIS B 372 17.99 39.02 3.15
C HIS B 372 16.97 38.20 2.36
N MET B 373 15.87 37.93 3.04
CA MET B 373 14.76 37.19 2.53
C MET B 373 14.10 37.86 1.32
N ALA B 374 14.00 39.18 1.33
CA ALA B 374 13.40 39.92 0.20
C ALA B 374 14.13 39.74 -1.13
N GLU B 375 15.47 39.75 -1.11
CA GLU B 375 16.27 39.62 -2.36
C GLU B 375 16.20 38.21 -2.94
N ALA B 376 16.31 37.22 -2.06
CA ALA B 376 16.06 35.81 -2.39
C ALA B 376 14.74 35.62 -3.12
N ILE B 377 13.68 36.25 -2.61
CA ILE B 377 12.36 36.25 -3.26
C ILE B 377 12.39 36.96 -4.63
N ARG B 378 13.05 38.11 -4.73
CA ARG B 378 13.11 38.82 -6.00
C ARG B 378 13.78 37.98 -7.08
N LYS B 379 14.83 37.23 -6.72
CA LYS B 379 15.54 36.35 -7.68
C LYS B 379 14.65 35.36 -8.45
N VAL B 380 13.64 34.80 -7.77
CA VAL B 380 12.72 33.80 -8.37
C VAL B 380 11.44 34.35 -9.04
N GLN B 381 11.17 35.65 -8.88
CA GLN B 381 9.97 36.26 -9.45
C GLN B 381 10.08 36.41 -10.97
N THR B 382 8.94 36.54 -11.64
CA THR B 382 8.91 36.84 -13.07
C THR B 382 8.10 38.10 -13.27
N LYS B 383 8.74 39.19 -13.70
CA LYS B 383 8.05 40.46 -13.86
C LYS B 383 6.75 40.23 -14.62
N GLY B 384 5.64 40.70 -14.04
CA GLY B 384 4.31 40.60 -14.65
C GLY B 384 3.60 41.93 -14.62
N TRP B 385 3.22 42.43 -15.81
CA TRP B 385 2.68 43.79 -15.97
C TRP B 385 1.18 43.79 -16.18
N ALA B 386 0.48 44.65 -15.44
CA ALA B 386 -0.97 44.71 -15.54
C ALA B 386 -1.42 45.43 -16.80
N ILE B 387 -2.71 45.29 -17.10
CA ILE B 387 -3.40 46.16 -18.04
C ILE B 387 -4.62 46.75 -17.30
N PRO B 405 6.18 39.06 -29.63
CA PRO B 405 5.06 38.44 -28.91
C PRO B 405 5.26 36.99 -28.51
N HIS B 406 6.24 36.30 -29.09
CA HIS B 406 6.56 34.93 -28.67
C HIS B 406 7.35 34.92 -27.35
N ARG B 407 7.85 36.08 -26.92
CA ARG B 407 8.53 36.23 -25.63
C ARG B 407 7.53 36.25 -24.46
N TYR B 408 6.25 36.53 -24.76
CA TYR B 408 5.24 36.81 -23.74
C TYR B 408 4.06 35.82 -23.70
N VAL B 409 3.31 35.92 -22.62
CA VAL B 409 2.07 35.18 -22.38
C VAL B 409 1.06 36.14 -21.77
N LEU B 410 -0.20 36.08 -22.21
CA LEU B 410 -1.27 36.87 -21.59
C LEU B 410 -2.02 35.91 -20.67
N LYS B 411 -1.88 36.11 -19.36
CA LYS B 411 -2.49 35.24 -18.37
C LYS B 411 -3.70 35.91 -17.73
N ASN B 412 -4.60 35.11 -17.20
CA ASN B 412 -5.75 35.60 -16.42
C ASN B 412 -5.33 35.61 -14.96
N ASN B 413 -5.88 36.53 -14.17
CA ASN B 413 -5.47 36.66 -12.73
C ASN B 413 -6.40 36.01 -11.64
N GLY B 414 -7.57 35.49 -12.01
CA GLY B 414 -8.51 34.83 -11.07
C GLY B 414 -9.23 35.72 -10.06
N ASP B 421 -7.18 29.94 -18.59
CA ASP B 421 -7.40 30.74 -19.80
C ASP B 421 -6.20 31.66 -20.10
N MET B 422 -5.45 31.37 -21.14
CA MET B 422 -4.25 32.18 -21.47
C MET B 422 -3.83 32.09 -22.93
N PHE B 423 -3.23 33.16 -23.44
CA PHE B 423 -2.95 33.32 -24.87
C PHE B 423 -1.44 33.45 -25.14
N PHE B 424 -0.97 32.81 -26.21
CA PHE B 424 0.45 32.83 -26.58
C PHE B 424 0.65 33.42 -27.97
N ASN B 425 1.87 33.86 -28.24
CA ASN B 425 2.29 34.29 -29.59
C ASN B 425 1.40 35.42 -30.17
N GLU B 426 0.97 35.33 -31.44
CA GLU B 426 0.15 36.38 -32.08
C GLU B 426 -1.28 36.46 -31.49
N ASP B 427 -1.76 35.41 -30.81
CA ASP B 427 -3.04 35.47 -30.03
C ASP B 427 -3.07 36.56 -28.94
N ILE B 428 -1.91 36.96 -28.46
CA ILE B 428 -1.81 38.03 -27.46
C ILE B 428 -2.27 39.37 -28.05
N LEU B 429 -1.83 39.67 -29.27
CA LEU B 429 -2.27 40.89 -30.00
C LEU B 429 -3.74 40.78 -30.40
N LYS B 430 -4.15 39.58 -30.83
CA LYS B 430 -5.56 39.28 -31.16
C LYS B 430 -6.49 39.54 -30.00
N LYS B 431 -6.17 38.98 -28.84
CA LYS B 431 -7.00 39.19 -27.65
C LYS B 431 -6.94 40.67 -27.14
N LEU B 432 -5.81 41.36 -27.30
CA LEU B 432 -5.69 42.75 -26.82
C LEU B 432 -6.65 43.70 -27.50
N LYS B 433 -6.77 43.60 -28.82
CA LYS B 433 -7.66 44.46 -29.59
C LYS B 433 -9.12 44.09 -29.41
N THR B 434 -9.40 42.80 -29.54
CA THR B 434 -10.74 42.19 -29.30
C THR B 434 -11.40 42.57 -27.97
N MET B 435 -10.64 42.34 -26.90
CA MET B 435 -11.05 42.53 -25.50
C MET B 435 -11.66 43.91 -25.17
N ALA B 436 -12.73 43.90 -24.37
CA ALA B 436 -13.36 45.14 -23.86
C ALA B 436 -12.62 45.58 -22.58
N PRO B 437 -12.47 46.90 -22.36
CA PRO B 437 -11.62 47.40 -21.25
C PRO B 437 -12.04 47.00 -19.83
N ALA B 438 -13.31 46.62 -19.65
CA ALA B 438 -13.76 45.96 -18.42
C ALA B 438 -12.89 44.72 -18.13
N ASP B 439 -12.66 43.90 -19.16
CA ASP B 439 -11.85 42.68 -19.03
C ASP B 439 -10.36 42.89 -18.85
N ARG B 440 -9.81 44.03 -19.28
CA ARG B 440 -8.39 44.36 -19.06
C ARG B 440 -7.91 44.22 -17.62
N ASP B 441 -8.77 44.53 -16.65
CA ASP B 441 -8.41 44.39 -15.23
C ASP B 441 -8.35 42.94 -14.70
N PHE B 442 -8.66 41.95 -15.54
CA PHE B 442 -8.63 40.51 -15.17
C PHE B 442 -7.49 39.70 -15.81
N TYR B 443 -6.60 40.36 -16.54
CA TYR B 443 -5.46 39.71 -17.19
C TYR B 443 -4.17 40.47 -16.91
N TYR B 444 -3.04 39.78 -17.04
CA TYR B 444 -1.73 40.44 -17.04
C TYR B 444 -0.77 39.82 -18.07
N LEU B 445 0.30 40.56 -18.34
CA LEU B 445 1.35 40.13 -19.26
C LEU B 445 2.54 39.63 -18.48
N THR B 446 3.04 38.44 -18.81
CA THR B 446 4.37 38.01 -18.32
C THR B 446 5.28 37.43 -19.42
N GLU B 447 6.58 37.44 -19.10
CA GLU B 447 7.59 36.85 -19.96
C GLU B 447 7.40 35.35 -19.90
N LYS B 448 7.33 34.73 -21.08
CA LYS B 448 7.22 33.29 -21.20
C LYS B 448 8.55 32.68 -20.83
N LEU B 449 8.53 31.64 -20.01
CA LEU B 449 9.75 30.96 -19.60
C LEU B 449 10.15 29.87 -20.60
N ARG B 450 11.45 29.75 -20.86
CA ARG B 450 11.99 28.74 -21.74
C ARG B 450 12.34 27.53 -20.85
N PRO B 451 11.49 26.49 -20.83
CA PRO B 451 11.65 25.50 -19.77
C PRO B 451 12.63 24.37 -20.11
N MET B 452 13.30 23.85 -19.08
CA MET B 452 14.29 22.77 -19.19
C MET B 452 13.62 21.49 -19.64
N VAL B 453 14.17 20.88 -20.69
CA VAL B 453 13.61 19.66 -21.26
C VAL B 453 14.55 18.52 -20.92
N ILE B 454 14.00 17.45 -20.36
CA ILE B 454 14.78 16.26 -20.03
C ILE B 454 14.05 15.06 -20.63
N LYS B 455 14.74 13.91 -20.62
CA LYS B 455 14.21 12.65 -21.12
C LYS B 455 13.87 11.72 -19.94
N ASN B 456 12.72 11.05 -20.02
CA ASN B 456 12.31 10.09 -19.03
C ASN B 456 11.30 9.13 -19.65
N HIS B 457 10.88 8.13 -18.88
CA HIS B 457 9.85 7.21 -19.30
C HIS B 457 8.59 7.38 -18.45
N PHE B 458 7.42 7.30 -19.08
CA PHE B 458 6.13 7.57 -18.41
C PHE B 458 5.28 6.30 -18.29
N VAL B 459 4.86 5.98 -17.07
CA VAL B 459 4.10 4.75 -16.81
C VAL B 459 2.66 5.10 -16.50
N ARG B 460 1.72 4.60 -17.29
CA ARG B 460 0.31 4.94 -17.13
C ARG B 460 -0.53 3.70 -16.93
N PRO B 461 -1.64 3.81 -16.18
CA PRO B 461 -2.67 2.78 -16.04
C PRO B 461 -3.24 2.22 -17.35
N ASN B 462 -3.26 0.90 -17.47
CA ASN B 462 -3.85 0.18 -18.63
C ASN B 462 -3.30 0.58 -20.02
N MET B 463 -2.04 0.97 -20.08
CA MET B 463 -1.34 1.27 -21.34
C MET B 463 0.12 0.88 -21.26
N ALA B 464 0.73 0.72 -22.43
CA ALA B 464 2.17 0.46 -22.51
C ALA B 464 2.90 1.73 -22.07
N PRO B 465 4.10 1.57 -21.48
CA PRO B 465 4.86 2.74 -21.07
C PRO B 465 5.46 3.47 -22.26
N THR B 466 5.51 4.79 -22.15
CA THR B 466 6.05 5.67 -23.18
C THR B 466 7.54 5.94 -22.89
N LEU B 467 8.42 5.40 -23.71
CA LEU B 467 9.86 5.42 -23.47
C LEU B 467 10.55 6.58 -24.19
N ASN B 468 11.49 7.20 -23.51
CA ASN B 468 12.33 8.27 -24.05
C ASN B 468 11.55 9.49 -24.51
N LEU B 469 10.56 9.91 -23.72
CA LEU B 469 9.86 11.17 -23.96
C LEU B 469 10.71 12.36 -23.56
N ASP B 470 10.61 13.45 -24.30
CA ASP B 470 11.00 14.76 -23.79
C ASP B 470 9.96 15.20 -22.78
N ALA B 471 10.39 15.64 -21.59
CA ALA B 471 9.49 16.19 -20.58
C ALA B 471 10.11 17.38 -19.86
N THR B 472 9.25 18.23 -19.31
CA THR B 472 9.67 19.39 -18.53
C THR B 472 9.20 19.16 -17.10
N PRO B 473 10.14 19.05 -16.14
CA PRO B 473 9.77 18.91 -14.74
C PRO B 473 9.36 20.25 -14.09
N GLU B 474 8.61 20.14 -12.99
CA GLU B 474 8.12 21.27 -12.23
C GLU B 474 8.31 20.90 -10.78
N LEU B 475 9.10 21.69 -10.07
CA LEU B 475 9.48 21.44 -8.67
C LEU B 475 8.54 22.13 -7.71
N GLY B 476 7.92 21.38 -6.79
CA GLY B 476 7.07 21.96 -5.75
C GLY B 476 7.75 21.85 -4.39
N ILE B 477 7.90 22.97 -3.70
CA ILE B 477 8.45 22.95 -2.36
C ILE B 477 7.36 23.18 -1.33
N PHE B 478 7.20 22.23 -0.42
CA PHE B 478 6.27 22.34 0.71
C PHE B 478 6.88 23.00 1.94
N GLY B 479 6.07 23.80 2.63
CA GLY B 479 6.41 24.31 3.97
C GLY B 479 5.17 24.78 4.73
N CYS B 480 5.18 24.60 6.06
CA CYS B 480 4.07 25.05 6.89
C CYS B 480 4.50 25.95 8.02
N LEU B 481 3.55 26.79 8.41
CA LEU B 481 3.65 27.71 9.53
C LEU B 481 2.57 27.39 10.57
N LEU B 482 2.84 27.79 11.79
CA LEU B 482 1.80 28.04 12.77
C LEU B 482 2.02 29.45 13.32
N GLY B 483 1.04 30.32 13.10
CA GLY B 483 1.22 31.75 13.39
C GLY B 483 -0.04 32.39 13.92
N ASN B 484 0.16 33.52 14.59
CA ASN B 484 -0.93 34.28 15.20
C ASN B 484 -1.17 35.49 14.33
N MET B 485 -2.38 35.65 13.82
CA MET B 485 -2.65 36.71 12.85
C MET B 485 -2.96 38.08 13.43
N GLU B 486 -3.09 38.19 14.74
CA GLU B 486 -3.34 39.48 15.40
C GLU B 486 -2.03 40.17 15.74
N THR B 487 -1.04 39.40 16.15
CA THR B 487 0.32 39.88 16.39
C THR B 487 1.22 39.77 15.13
N GLY B 488 0.97 38.77 14.28
CA GLY B 488 1.88 38.46 13.16
C GLY B 488 3.13 37.68 13.55
N LYS B 489 3.13 37.11 14.75
CA LYS B 489 4.23 36.29 15.28
C LYS B 489 4.03 34.86 14.86
N VAL B 490 5.13 34.19 14.51
CA VAL B 490 5.14 32.79 14.16
C VAL B 490 5.71 31.97 15.32
N SER B 491 5.03 30.91 15.71
CA SER B 491 5.45 30.04 16.80
C SER B 491 6.02 28.69 16.33
N TYR B 492 5.78 28.32 15.08
CA TYR B 492 6.23 27.05 14.59
C TYR B 492 6.50 27.11 13.08
N PHE B 493 7.70 26.69 12.67
CA PHE B 493 8.02 26.39 11.27
C PHE B 493 8.24 24.88 11.11
N SER B 494 7.48 24.26 10.20
CA SER B 494 7.62 22.83 9.91
C SER B 494 8.88 22.57 9.13
N ARG B 495 9.25 21.29 9.01
CA ARG B 495 10.29 20.88 8.07
C ARG B 495 9.82 21.23 6.66
N THR B 496 10.77 21.35 5.74
CA THR B 496 10.43 21.55 4.32
C THR B 496 10.23 20.20 3.66
N GLY B 497 9.47 20.21 2.57
CA GLY B 497 9.27 19.06 1.72
C GLY B 497 9.38 19.44 0.25
N HIS B 498 9.35 18.45 -0.63
CA HIS B 498 9.52 18.72 -2.06
C HIS B 498 9.06 17.55 -2.94
N MET B 499 8.51 17.91 -4.09
CA MET B 499 7.92 16.98 -5.04
C MET B 499 8.20 17.48 -6.43
N MET B 500 7.80 16.72 -7.44
CA MET B 500 8.03 17.12 -8.82
C MET B 500 6.93 16.56 -9.70
N LYS B 501 6.63 17.27 -10.76
CA LYS B 501 5.65 16.83 -11.74
C LYS B 501 6.20 17.13 -13.10
N SER B 502 6.18 16.15 -14.00
CA SER B 502 6.66 16.30 -15.36
C SER B 502 5.50 16.21 -16.32
N LYS B 503 5.53 17.07 -17.34
CA LYS B 503 4.55 17.03 -18.44
C LYS B 503 5.32 16.83 -19.72
N LEU B 504 4.65 16.39 -20.79
CA LEU B 504 5.24 16.39 -22.13
C LEU B 504 5.63 17.78 -22.58
N ALA B 505 6.74 17.86 -23.30
CA ALA B 505 7.11 19.04 -24.06
C ALA B 505 6.63 18.87 -25.50
N PHE B 516 -1.84 17.13 -19.25
CA PHE B 516 -1.73 15.89 -18.49
C PHE B 516 -0.27 15.64 -18.07
N SER B 517 -0.11 15.28 -16.79
CA SER B 517 1.20 15.27 -16.16
C SER B 517 1.42 13.96 -15.40
N VAL B 518 2.57 13.88 -14.74
CA VAL B 518 3.06 12.65 -14.16
C VAL B 518 3.84 12.98 -12.88
N TYR B 519 3.72 12.16 -11.86
CA TYR B 519 4.49 12.40 -10.65
C TYR B 519 5.90 11.98 -10.88
N ASP B 520 6.82 12.70 -10.28
CA ASP B 520 8.21 12.52 -10.54
C ASP B 520 8.95 12.84 -9.24
N SER B 521 10.25 12.66 -9.22
CA SER B 521 11.06 13.17 -8.12
C SER B 521 12.45 13.56 -8.64
N PRO B 522 13.09 14.56 -8.01
CA PRO B 522 14.30 15.10 -8.59
C PRO B 522 15.50 14.20 -8.31
N TYR B 523 16.39 14.10 -9.29
CA TYR B 523 17.74 13.57 -9.09
C TYR B 523 18.70 14.75 -9.26
N LEU B 524 19.38 15.11 -8.18
CA LEU B 524 20.21 16.33 -8.15
C LEU B 524 21.54 16.14 -8.83
N VAL B 525 21.50 16.40 -10.12
CA VAL B 525 22.65 16.61 -10.97
C VAL B 525 23.57 17.74 -10.44
#